data_1QSF
#
_entry.id   1QSF
#
_cell.length_a   224.665
_cell.length_b   48.460
_cell.length_c   93.739
_cell.angle_alpha   90.00
_cell.angle_beta   90.46
_cell.angle_gamma   90.00
#
_symmetry.space_group_name_H-M   'C 1 2 1'
#
loop_
_entity.id
_entity.type
_entity.pdbx_description
1 polymer 'MHC CLASS I HLA-A'
2 polymer 'BETA-2 MICROGLOBULIN'
3 polymer 'TAX PEPTIDE Y8A'
4 polymer 'HUMAN T-CELL RECEPTOR'
5 polymer 'HUMAN T-CELL RECEPTOR'
6 water water
#
loop_
_entity_poly.entity_id
_entity_poly.type
_entity_poly.pdbx_seq_one_letter_code
_entity_poly.pdbx_strand_id
1 'polypeptide(L)'
;GSHSMRYFFTSVSRPGRGEPRFIAVGYVDDTQFVRFDSDAASQRMEPRAPWIEQEGPEYWDGETRKVKAHSQTHRVDLGT
LRGYYNQSEAGSHTVQRMYGCDVGSDWRFLRGYHQYAYDGKDYIALKEDLRSWTAADMAAQTTKHKWEAAHVAEQLRAYL
EGTCVEWLRRYLENGKETLQRTDAPKTHMTHHAVSDHEATLRCWALSFYPAEITLTWQADGEDQTQDTELVETRPAGDGT
FQKWAAVVVPSGQEQRYTCHVQHEGLPKPLTLRW
;
A
2 'polypeptide(L)'
;MIQRTPKIQVYSRHPAENGKSNFLNCYVSGFHPSDIEVDLLKNGERIEKVEHSDLSFSKDWSFYLLYYTEFTPTEKDEYA
CRVNHVTLSQPKIVKWDRDM
;
B
3 'polypeptide(L)' LLFGYPVAV C
4 'polypeptide(L)'
;KEVEQNSGPLSVPEGAIASLNCTYSDRGSQSFFWYRQYSGKSPELIMSIYSNGDKEDGRFTAQLNKASQYVSLLIRDSQP
SDSATYLCAVTTDSWGKLQFGAGTQVVVTPDIQNPDPAVYQLRDSKSSDKSVCLFTDFDSQTNVSQSKDSDVYITDKTVL
DMRSMDFKSNSAVAWSNKSDFACANAFNNSIIPEDTFFPS
;
D
5 'polypeptide(L)'
;GVTQTPKFQVLKTGQSMTLQCAQDMNHEYMSWYRQDPGMGLRLIHYSVGAGITDQGEVPNGYNVSRSTTEDFPLRLLSAA
PSQTSVYFCASRPGLAGGRPEQYFGPGTRLTVTEDLKNVFPPEVAVFEPSEAEISHTQKATLVCLATGFYPDHVELSWWV
NGKEVHSGVSTDPQPLKEQPALNDSRYALSSRLRVSATFWQNPRNHFRCQVQFYGLSENDEWAQDRAKPVTQIVSAEAWG
RAD
;
E
#
# COMPACT_ATOMS: atom_id res chain seq x y z
N GLY A 1 -33.34 0.07 9.20
CA GLY A 1 -32.75 -0.01 7.81
C GLY A 1 -31.26 -0.27 7.78
N SER A 2 -30.85 -1.43 8.28
CA SER A 2 -29.46 -1.84 8.32
C SER A 2 -29.02 -2.40 6.95
N HIS A 3 -27.71 -2.41 6.71
CA HIS A 3 -27.13 -2.91 5.47
C HIS A 3 -25.76 -3.52 5.76
N SER A 4 -25.21 -4.26 4.81
CA SER A 4 -23.92 -4.88 5.02
C SER A 4 -23.24 -5.28 3.72
N MET A 5 -21.93 -5.47 3.81
CA MET A 5 -21.13 -5.89 2.68
C MET A 5 -20.39 -7.14 3.11
N ARG A 6 -20.49 -8.16 2.29
CA ARG A 6 -19.88 -9.44 2.57
C ARG A 6 -19.14 -9.93 1.33
N TYR A 7 -18.01 -10.58 1.57
CA TYR A 7 -17.23 -11.16 0.50
C TYR A 7 -17.05 -12.64 0.80
N PHE A 8 -17.39 -13.48 -0.16
CA PHE A 8 -17.27 -14.92 0.00
C PHE A 8 -16.26 -15.53 -0.96
N PHE A 9 -15.29 -16.24 -0.38
CA PHE A 9 -14.23 -16.87 -1.16
C PHE A 9 -14.19 -18.38 -0.95
N THR A 10 -14.25 -19.13 -2.05
CA THR A 10 -14.17 -20.59 -2.01
C THR A 10 -12.99 -21.02 -2.89
N SER A 11 -12.23 -21.98 -2.39
CA SER A 11 -11.09 -22.47 -3.10
C SER A 11 -11.13 -24.00 -2.94
N VAL A 12 -11.08 -24.74 -4.05
CA VAL A 12 -11.12 -26.20 -4.01
C VAL A 12 -9.90 -26.83 -4.68
N SER A 13 -9.27 -27.79 -4.00
CA SER A 13 -8.07 -28.46 -4.51
C SER A 13 -8.43 -29.51 -5.52
N ARG A 14 -7.67 -29.54 -6.61
CA ARG A 14 -7.92 -30.52 -7.66
C ARG A 14 -6.78 -31.54 -7.79
N PRO A 15 -6.77 -32.56 -6.90
CA PRO A 15 -5.77 -33.64 -6.87
C PRO A 15 -5.55 -34.10 -8.29
N GLY A 16 -4.30 -34.01 -8.73
CA GLY A 16 -3.94 -34.45 -10.08
C GLY A 16 -4.50 -33.75 -11.30
N ARG A 17 -5.39 -32.79 -11.08
CA ARG A 17 -6.00 -32.06 -12.17
C ARG A 17 -5.65 -30.58 -12.22
N GLY A 18 -4.40 -30.25 -11.89
CA GLY A 18 -3.97 -28.86 -11.91
C GLY A 18 -4.27 -27.97 -10.71
N GLU A 19 -4.30 -26.67 -10.98
CA GLU A 19 -4.55 -25.66 -9.98
C GLU A 19 -5.94 -25.76 -9.39
N PRO A 20 -6.09 -25.31 -8.13
CA PRO A 20 -7.38 -25.34 -7.49
C PRO A 20 -8.33 -24.27 -8.03
N ARG A 21 -9.60 -24.41 -7.68
CA ARG A 21 -10.62 -23.46 -8.09
C ARG A 21 -10.74 -22.28 -7.13
N PHE A 22 -10.99 -21.09 -7.67
CA PHE A 22 -11.16 -19.91 -6.85
C PHE A 22 -12.33 -19.05 -7.28
N ILE A 23 -13.41 -19.12 -6.50
CA ILE A 23 -14.61 -18.34 -6.76
C ILE A 23 -14.64 -17.23 -5.70
N ALA A 24 -15.04 -16.03 -6.11
CA ALA A 24 -15.13 -14.88 -5.23
C ALA A 24 -16.36 -14.11 -5.59
N VAL A 25 -17.23 -13.91 -4.60
CA VAL A 25 -18.46 -13.17 -4.82
C VAL A 25 -18.52 -12.08 -3.76
N GLY A 26 -19.11 -10.95 -4.11
CA GLY A 26 -19.23 -9.84 -3.19
C GLY A 26 -20.66 -9.33 -3.15
N TYR A 27 -21.27 -9.35 -1.97
CA TYR A 27 -22.65 -8.91 -1.85
C TYR A 27 -22.82 -7.64 -1.02
N VAL A 28 -24.01 -7.07 -1.14
CA VAL A 28 -24.42 -5.88 -0.39
C VAL A 28 -25.80 -6.32 -0.02
N ASP A 29 -25.91 -6.81 1.22
CA ASP A 29 -27.15 -7.35 1.75
C ASP A 29 -27.40 -8.69 1.04
N ASP A 30 -28.60 -8.87 0.47
CA ASP A 30 -28.91 -10.10 -0.21
C ASP A 30 -28.70 -9.96 -1.71
N THR A 31 -27.93 -8.96 -2.10
CA THR A 31 -27.64 -8.73 -3.52
C THR A 31 -26.15 -8.78 -3.81
N GLN A 32 -25.85 -9.45 -4.92
CA GLN A 32 -24.48 -9.66 -5.38
C GLN A 32 -24.12 -8.58 -6.40
N PHE A 33 -22.88 -8.13 -6.37
CA PHE A 33 -22.46 -7.10 -7.30
C PHE A 33 -21.15 -7.38 -8.02
N VAL A 34 -20.38 -8.33 -7.52
CA VAL A 34 -19.11 -8.69 -8.14
C VAL A 34 -18.81 -10.20 -8.03
N ARG A 35 -17.89 -10.66 -8.85
CA ARG A 35 -17.48 -12.05 -8.86
C ARG A 35 -16.15 -12.24 -9.53
N PHE A 36 -15.51 -13.36 -9.22
CA PHE A 36 -14.26 -13.75 -9.82
C PHE A 36 -14.26 -15.27 -9.82
N ASP A 37 -13.90 -15.86 -10.95
CA ASP A 37 -13.89 -17.31 -11.08
C ASP A 37 -12.71 -17.75 -11.94
N SER A 38 -11.68 -18.31 -11.29
CA SER A 38 -10.52 -18.86 -11.94
C SER A 38 -10.91 -19.60 -13.24
N ASP A 39 -12.09 -20.21 -13.23
CA ASP A 39 -12.62 -20.96 -14.36
C ASP A 39 -13.16 -20.08 -15.49
N ALA A 40 -13.65 -18.90 -15.12
CA ALA A 40 -14.15 -17.94 -16.10
C ALA A 40 -13.10 -17.61 -17.17
N ALA A 41 -13.50 -16.73 -18.09
CA ALA A 41 -12.65 -16.30 -19.20
C ALA A 41 -11.82 -15.03 -19.00
N SER A 42 -12.53 -13.94 -18.69
CA SER A 42 -11.89 -12.63 -18.49
C SER A 42 -10.73 -12.71 -17.55
N GLN A 43 -10.93 -13.43 -16.45
CA GLN A 43 -9.89 -13.61 -15.45
C GLN A 43 -9.65 -12.29 -14.69
N ARG A 44 -10.67 -11.44 -14.73
CA ARG A 44 -10.66 -10.15 -14.04
C ARG A 44 -11.89 -10.16 -13.16
N MET A 45 -11.91 -9.21 -12.23
CA MET A 45 -13.00 -9.02 -11.30
C MET A 45 -14.09 -8.42 -12.14
N GLU A 46 -15.22 -9.12 -12.23
CA GLU A 46 -16.37 -8.70 -13.03
C GLU A 46 -17.59 -8.17 -12.26
N PRO A 47 -18.29 -7.19 -12.82
CA PRO A 47 -19.48 -6.65 -12.19
C PRO A 47 -20.61 -7.71 -12.28
N ARG A 48 -21.67 -7.53 -11.49
CA ARG A 48 -22.82 -8.45 -11.49
C ARG A 48 -24.08 -7.68 -11.18
N ALA A 49 -23.91 -6.40 -10.88
CA ALA A 49 -24.99 -5.48 -10.59
C ALA A 49 -24.65 -4.31 -11.49
N PRO A 50 -25.64 -3.77 -12.19
CA PRO A 50 -25.38 -2.64 -13.08
C PRO A 50 -24.82 -1.35 -12.46
N TRP A 51 -25.09 -1.09 -11.17
CA TRP A 51 -24.58 0.13 -10.53
C TRP A 51 -23.13 0.02 -10.14
N ILE A 52 -22.53 -1.12 -10.41
CA ILE A 52 -21.13 -1.28 -10.08
C ILE A 52 -20.36 -1.08 -11.38
N GLU A 53 -21.11 -1.06 -12.48
CA GLU A 53 -20.56 -0.87 -13.81
C GLU A 53 -20.11 0.59 -13.98
N GLN A 54 -20.52 1.45 -13.05
CA GLN A 54 -20.16 2.87 -13.13
C GLN A 54 -18.77 3.22 -12.62
N GLU A 55 -18.15 2.34 -11.83
CA GLU A 55 -16.81 2.59 -11.33
C GLU A 55 -15.87 2.51 -12.54
N GLY A 56 -14.73 3.18 -12.47
CA GLY A 56 -13.80 3.19 -13.59
C GLY A 56 -12.70 2.15 -13.67
N PRO A 57 -11.70 2.37 -14.53
CA PRO A 57 -10.58 1.48 -14.74
C PRO A 57 -9.81 1.27 -13.46
N GLU A 58 -9.60 2.35 -12.71
CA GLU A 58 -8.86 2.28 -11.46
C GLU A 58 -9.46 1.23 -10.52
N TYR A 59 -10.78 1.19 -10.45
CA TYR A 59 -11.48 0.26 -9.59
C TYR A 59 -11.26 -1.21 -9.97
N TRP A 60 -11.61 -1.54 -11.20
CA TRP A 60 -11.48 -2.91 -11.68
C TRP A 60 -10.03 -3.39 -11.74
N ASP A 61 -9.10 -2.49 -12.05
CA ASP A 61 -7.71 -2.89 -12.14
C ASP A 61 -7.27 -3.25 -10.74
N GLY A 62 -7.66 -2.44 -9.78
CA GLY A 62 -7.30 -2.72 -8.41
C GLY A 62 -7.98 -3.99 -7.90
N GLU A 63 -9.29 -4.04 -8.02
CA GLU A 63 -10.01 -5.21 -7.56
C GLU A 63 -9.50 -6.50 -8.20
N THR A 64 -9.19 -6.47 -9.49
CA THR A 64 -8.68 -7.68 -10.10
C THR A 64 -7.40 -8.09 -9.40
N ARG A 65 -6.51 -7.13 -9.20
CA ARG A 65 -5.23 -7.39 -8.55
C ARG A 65 -5.35 -8.07 -7.19
N LYS A 66 -6.19 -7.50 -6.34
CA LYS A 66 -6.42 -7.99 -4.99
C LYS A 66 -7.05 -9.37 -4.96
N VAL A 67 -7.86 -9.68 -5.95
CA VAL A 67 -8.49 -10.98 -5.91
C VAL A 67 -7.48 -12.02 -6.33
N LYS A 68 -6.49 -11.62 -7.10
CA LYS A 68 -5.50 -12.57 -7.54
C LYS A 68 -4.52 -12.83 -6.41
N ALA A 69 -4.44 -11.83 -5.53
CA ALA A 69 -3.61 -11.91 -4.33
C ALA A 69 -4.35 -12.95 -3.43
N HIS A 70 -5.65 -12.71 -3.19
CA HIS A 70 -6.52 -13.58 -2.38
C HIS A 70 -6.43 -15.02 -2.90
N SER A 71 -6.35 -15.14 -4.22
CA SER A 71 -6.28 -16.45 -4.81
C SER A 71 -4.95 -17.04 -4.44
N GLN A 72 -3.91 -16.24 -4.65
CA GLN A 72 -2.55 -16.66 -4.41
C GLN A 72 -2.35 -17.18 -3.00
N THR A 73 -2.81 -16.42 -2.00
CA THR A 73 -2.68 -16.83 -0.59
C THR A 73 -3.47 -18.15 -0.43
N HIS A 74 -4.71 -18.17 -0.88
CA HIS A 74 -5.48 -19.39 -0.78
C HIS A 74 -4.83 -20.56 -1.48
N ARG A 75 -4.25 -20.31 -2.65
CA ARG A 75 -3.61 -21.39 -3.40
C ARG A 75 -2.62 -22.02 -2.44
N VAL A 76 -1.90 -21.16 -1.72
CA VAL A 76 -0.90 -21.58 -0.77
C VAL A 76 -1.49 -22.30 0.45
N ASP A 77 -2.50 -21.70 1.06
CA ASP A 77 -3.14 -22.26 2.24
C ASP A 77 -3.54 -23.74 2.11
N LEU A 78 -3.96 -24.14 0.91
CA LEU A 78 -4.38 -25.51 0.66
C LEU A 78 -3.20 -26.47 0.85
N GLY A 79 -2.03 -26.03 0.42
CA GLY A 79 -0.84 -26.84 0.56
C GLY A 79 -0.33 -26.81 1.99
N THR A 80 -0.35 -25.63 2.59
CA THR A 80 0.06 -25.41 3.99
C THR A 80 -0.76 -26.38 4.84
N LEU A 81 -2.06 -26.19 4.76
CA LEU A 81 -3.03 -27.00 5.47
C LEU A 81 -2.80 -28.48 5.25
N ARG A 82 -2.75 -28.91 4.00
CA ARG A 82 -2.53 -30.32 3.76
C ARG A 82 -1.35 -30.84 4.57
N GLY A 83 -0.35 -29.99 4.76
CA GLY A 83 0.83 -30.39 5.52
C GLY A 83 0.44 -30.53 6.97
N TYR A 84 -0.12 -29.47 7.51
CA TYR A 84 -0.57 -29.42 8.90
C TYR A 84 -1.21 -30.74 9.37
N TYR A 85 -2.25 -31.18 8.67
CA TYR A 85 -2.95 -32.41 9.00
C TYR A 85 -2.37 -33.68 8.36
N ASN A 86 -1.23 -33.52 7.69
CA ASN A 86 -0.56 -34.60 7.00
C ASN A 86 -1.53 -35.47 6.20
N GLN A 87 -2.36 -34.84 5.36
CA GLN A 87 -3.33 -35.57 4.53
C GLN A 87 -2.70 -35.95 3.19
N SER A 88 -3.34 -36.86 2.46
CA SER A 88 -2.79 -37.29 1.18
C SER A 88 -3.12 -36.33 0.05
N GLU A 89 -2.26 -36.33 -0.95
CA GLU A 89 -2.41 -35.47 -2.11
C GLU A 89 -3.54 -35.99 -2.99
N ALA A 90 -3.93 -37.24 -2.78
CA ALA A 90 -4.97 -37.86 -3.59
C ALA A 90 -6.35 -37.25 -3.46
N GLY A 91 -6.68 -36.70 -2.29
CA GLY A 91 -8.01 -36.12 -2.10
C GLY A 91 -8.15 -34.62 -2.24
N SER A 92 -9.38 -34.18 -2.42
CA SER A 92 -9.67 -32.74 -2.58
C SER A 92 -10.21 -32.15 -1.29
N HIS A 93 -9.75 -30.94 -0.99
CA HIS A 93 -10.18 -30.26 0.22
C HIS A 93 -10.72 -28.87 -0.12
N THR A 94 -11.50 -28.30 0.80
CA THR A 94 -12.10 -27.01 0.56
C THR A 94 -11.78 -25.93 1.57
N VAL A 95 -11.53 -24.72 1.07
CA VAL A 95 -11.23 -23.60 1.97
C VAL A 95 -12.23 -22.50 1.70
N GLN A 96 -12.68 -21.83 2.75
CA GLN A 96 -13.68 -20.81 2.54
C GLN A 96 -13.34 -19.65 3.41
N ARG A 97 -13.52 -18.43 2.90
CA ARG A 97 -13.21 -17.25 3.70
C ARG A 97 -14.31 -16.26 3.52
N MET A 98 -14.67 -15.59 4.61
CA MET A 98 -15.74 -14.60 4.58
C MET A 98 -15.44 -13.45 5.51
N TYR A 99 -15.59 -12.23 5.00
CA TYR A 99 -15.35 -11.05 5.81
C TYR A 99 -16.22 -9.93 5.29
N GLY A 100 -16.51 -8.96 6.16
CA GLY A 100 -17.36 -7.84 5.77
C GLY A 100 -17.74 -6.94 6.94
N CYS A 101 -18.80 -6.17 6.79
CA CYS A 101 -19.24 -5.27 7.84
C CYS A 101 -20.74 -5.05 7.85
N ASP A 102 -21.24 -4.52 8.97
CA ASP A 102 -22.65 -4.21 9.15
C ASP A 102 -22.75 -2.74 9.57
N VAL A 103 -23.74 -2.03 9.07
CA VAL A 103 -23.95 -0.63 9.47
C VAL A 103 -25.40 -0.53 9.92
N GLY A 104 -25.67 0.35 10.88
CA GLY A 104 -27.03 0.50 11.35
C GLY A 104 -27.85 1.44 10.48
N SER A 105 -29.00 1.84 11.01
CA SER A 105 -29.89 2.75 10.32
C SER A 105 -29.15 4.08 10.13
N ASP A 106 -28.29 4.41 11.11
CA ASP A 106 -27.50 5.63 11.03
C ASP A 106 -26.37 5.41 10.02
N TRP A 107 -26.34 4.19 9.47
CA TRP A 107 -25.35 3.77 8.49
C TRP A 107 -23.92 3.83 8.98
N ARG A 108 -23.74 3.77 10.29
CA ARG A 108 -22.39 3.82 10.83
C ARG A 108 -21.94 2.41 11.14
N PHE A 109 -20.66 2.26 11.46
CA PHE A 109 -20.15 0.93 11.77
C PHE A 109 -21.00 0.29 12.86
N LEU A 110 -20.99 -1.04 12.91
CA LEU A 110 -21.79 -1.76 13.87
C LEU A 110 -21.18 -3.13 14.19
N ARG A 111 -20.63 -3.79 13.16
CA ARG A 111 -19.99 -5.11 13.31
C ARG A 111 -18.91 -5.33 12.25
N GLY A 112 -17.98 -6.24 12.53
CA GLY A 112 -16.91 -6.55 11.60
C GLY A 112 -16.68 -8.06 11.64
N TYR A 113 -16.40 -8.67 10.49
CA TYR A 113 -16.21 -10.11 10.48
C TYR A 113 -15.04 -10.63 9.66
N HIS A 114 -14.73 -11.92 9.87
CA HIS A 114 -13.67 -12.63 9.17
C HIS A 114 -13.48 -14.08 9.62
N GLN A 115 -14.28 -14.97 9.06
CA GLN A 115 -14.21 -16.39 9.37
C GLN A 115 -13.43 -17.14 8.30
N TYR A 116 -12.75 -18.20 8.74
CA TYR A 116 -11.97 -19.03 7.84
C TYR A 116 -12.36 -20.47 8.13
N ALA A 117 -12.68 -21.20 7.07
CA ALA A 117 -13.09 -22.58 7.19
C ALA A 117 -12.27 -23.51 6.33
N TYR A 118 -12.19 -24.75 6.75
CA TYR A 118 -11.47 -25.78 6.02
C TYR A 118 -12.37 -27.03 6.10
N ASP A 119 -12.49 -27.70 4.98
CA ASP A 119 -13.33 -28.87 4.85
C ASP A 119 -14.71 -28.74 5.50
N GLY A 120 -15.32 -27.58 5.35
CA GLY A 120 -16.65 -27.38 5.87
C GLY A 120 -16.79 -26.96 7.32
N LYS A 121 -15.69 -26.70 8.02
CA LYS A 121 -15.82 -26.30 9.42
C LYS A 121 -14.76 -25.33 9.90
N ASP A 122 -15.22 -24.31 10.64
CA ASP A 122 -14.37 -23.25 11.18
C ASP A 122 -12.94 -23.73 11.43
N TYR A 123 -11.99 -22.90 11.02
CA TYR A 123 -10.57 -23.19 11.18
C TYR A 123 -9.97 -22.09 12.06
N ILE A 124 -10.48 -20.88 11.89
CA ILE A 124 -10.00 -19.74 12.63
C ILE A 124 -10.92 -18.56 12.34
N ALA A 125 -11.21 -17.77 13.37
CA ALA A 125 -12.08 -16.63 13.22
C ALA A 125 -11.62 -15.46 14.06
N LEU A 126 -11.94 -14.26 13.58
CA LEU A 126 -11.60 -13.03 14.27
C LEU A 126 -12.71 -12.80 15.27
N LYS A 127 -12.36 -12.45 16.51
CA LYS A 127 -13.38 -12.20 17.52
C LYS A 127 -14.02 -10.85 17.26
N GLU A 128 -15.14 -10.59 17.91
CA GLU A 128 -15.84 -9.34 17.69
C GLU A 128 -15.03 -8.09 18.00
N ASP A 129 -14.06 -8.21 18.91
CA ASP A 129 -13.23 -7.07 19.28
C ASP A 129 -12.23 -6.66 18.21
N LEU A 130 -12.02 -7.54 17.23
CA LEU A 130 -11.10 -7.29 16.14
C LEU A 130 -9.64 -7.16 16.56
N ARG A 131 -9.29 -7.81 17.66
CA ARG A 131 -7.90 -7.74 18.12
C ARG A 131 -7.45 -9.16 18.50
N SER A 132 -8.43 -10.05 18.61
CA SER A 132 -8.19 -11.44 19.00
C SER A 132 -8.64 -12.49 18.00
N TRP A 133 -7.99 -13.66 18.05
CA TRP A 133 -8.29 -14.77 17.14
C TRP A 133 -8.77 -16.03 17.89
N THR A 134 -9.72 -16.76 17.29
CA THR A 134 -10.23 -17.99 17.87
C THR A 134 -9.78 -19.20 17.04
N ALA A 135 -8.94 -20.05 17.58
CA ALA A 135 -8.48 -21.24 16.83
C ALA A 135 -9.33 -22.46 17.20
N ALA A 136 -9.61 -23.32 16.22
CA ALA A 136 -10.41 -24.50 16.39
C ALA A 136 -9.68 -25.83 16.67
N ASP A 137 -8.36 -25.81 16.71
CA ASP A 137 -7.64 -27.04 17.00
C ASP A 137 -6.15 -26.79 17.17
N MET A 138 -5.36 -27.86 17.27
CA MET A 138 -3.93 -27.63 17.44
C MET A 138 -3.29 -27.07 16.19
N ALA A 139 -3.77 -27.49 15.04
CA ALA A 139 -3.23 -26.97 13.80
C ALA A 139 -3.53 -25.49 13.72
N ALA A 140 -4.80 -25.16 13.84
CA ALA A 140 -5.22 -23.78 13.74
C ALA A 140 -4.53 -22.84 14.70
N GLN A 141 -3.79 -23.39 15.66
CA GLN A 141 -3.08 -22.57 16.66
C GLN A 141 -1.91 -21.94 15.94
N THR A 142 -1.17 -22.79 15.23
CA THR A 142 -0.01 -22.40 14.44
C THR A 142 -0.36 -21.18 13.59
N THR A 143 -1.55 -21.23 12.98
CA THR A 143 -2.06 -20.15 12.13
C THR A 143 -2.27 -18.92 13.02
N LYS A 144 -2.80 -19.16 14.21
CA LYS A 144 -3.07 -18.13 15.19
C LYS A 144 -1.76 -17.41 15.56
N HIS A 145 -0.74 -18.16 15.96
CA HIS A 145 0.52 -17.51 16.34
C HIS A 145 1.07 -16.76 15.12
N LYS A 146 1.11 -17.46 13.99
CA LYS A 146 1.62 -16.92 12.74
C LYS A 146 1.00 -15.57 12.39
N TRP A 147 -0.31 -15.49 12.59
CA TRP A 147 -1.01 -14.26 12.27
C TRP A 147 -0.88 -13.18 13.34
N GLU A 148 -0.74 -13.58 14.61
CA GLU A 148 -0.60 -12.63 15.71
C GLU A 148 0.78 -11.96 15.62
N ALA A 149 1.63 -12.49 14.76
CA ALA A 149 2.96 -11.95 14.57
C ALA A 149 3.04 -11.03 13.34
N ALA A 150 2.14 -11.26 12.37
CA ALA A 150 2.12 -10.47 11.14
C ALA A 150 1.18 -9.28 11.23
N HIS A 151 0.40 -9.24 12.30
CA HIS A 151 -0.55 -8.14 12.53
C HIS A 151 -1.74 -8.08 11.61
N VAL A 152 -2.37 -9.24 11.44
CA VAL A 152 -3.53 -9.34 10.58
C VAL A 152 -4.69 -8.62 11.26
N ALA A 153 -4.87 -8.85 12.56
CA ALA A 153 -5.96 -8.25 13.33
C ALA A 153 -5.89 -6.73 13.21
N GLU A 154 -4.68 -6.21 13.31
CA GLU A 154 -4.45 -4.78 13.24
C GLU A 154 -4.91 -4.17 11.91
N GLN A 155 -4.50 -4.77 10.81
CA GLN A 155 -4.86 -4.27 9.49
C GLN A 155 -6.31 -4.52 9.16
N LEU A 156 -6.80 -5.72 9.45
CA LEU A 156 -8.18 -6.02 9.14
C LEU A 156 -9.18 -5.09 9.83
N ARG A 157 -9.00 -4.91 11.13
CA ARG A 157 -9.85 -4.03 11.90
C ARG A 157 -9.91 -2.65 11.25
N ALA A 158 -8.76 -2.18 10.77
CA ALA A 158 -8.68 -0.87 10.10
C ALA A 158 -9.56 -0.89 8.90
N TYR A 159 -9.54 -2.02 8.19
CA TYR A 159 -10.36 -2.23 7.01
C TYR A 159 -11.85 -2.31 7.35
N LEU A 160 -12.18 -3.31 8.16
CA LEU A 160 -13.52 -3.57 8.63
C LEU A 160 -14.22 -2.35 9.24
N GLU A 161 -13.53 -1.64 10.13
CA GLU A 161 -14.09 -0.44 10.75
C GLU A 161 -14.06 0.80 9.88
N GLY A 162 -13.15 0.85 8.93
CA GLY A 162 -13.06 2.02 8.07
C GLY A 162 -13.54 1.83 6.64
N THR A 163 -12.62 1.45 5.77
CA THR A 163 -12.91 1.29 4.36
C THR A 163 -14.10 0.39 4.00
N CYS A 164 -14.39 -0.61 4.83
CA CYS A 164 -15.52 -1.47 4.53
C CYS A 164 -16.80 -0.66 4.56
N VAL A 165 -17.02 0.08 5.65
CA VAL A 165 -18.23 0.90 5.80
C VAL A 165 -18.22 2.09 4.83
N GLU A 166 -17.05 2.66 4.56
CA GLU A 166 -16.98 3.78 3.64
C GLU A 166 -17.44 3.33 2.25
N TRP A 167 -16.96 2.18 1.78
CA TRP A 167 -17.37 1.72 0.46
C TRP A 167 -18.81 1.18 0.41
N LEU A 168 -19.27 0.60 1.51
CA LEU A 168 -20.64 0.10 1.58
C LEU A 168 -21.61 1.27 1.42
N ARG A 169 -21.26 2.38 2.05
CA ARG A 169 -22.11 3.56 1.97
C ARG A 169 -22.13 4.04 0.53
N ARG A 170 -20.97 3.99 -0.12
CA ARG A 170 -20.86 4.43 -1.50
C ARG A 170 -21.75 3.61 -2.42
N TYR A 171 -21.76 2.31 -2.19
CA TYR A 171 -22.56 1.41 -3.01
C TYR A 171 -24.04 1.67 -2.78
N LEU A 172 -24.42 1.77 -1.51
CA LEU A 172 -25.81 2.03 -1.17
C LEU A 172 -26.39 3.22 -1.91
N GLU A 173 -25.63 4.33 -1.93
CA GLU A 173 -26.07 5.54 -2.62
C GLU A 173 -26.16 5.27 -4.11
N ASN A 174 -25.16 4.57 -4.64
CA ASN A 174 -25.12 4.25 -6.07
C ASN A 174 -26.17 3.26 -6.51
N GLY A 175 -26.51 2.33 -5.62
CA GLY A 175 -27.50 1.32 -5.92
C GLY A 175 -28.80 1.75 -5.29
N LYS A 176 -28.95 3.06 -5.16
CA LYS A 176 -30.12 3.66 -4.58
C LYS A 176 -31.40 2.91 -4.96
N GLU A 177 -31.84 3.10 -6.20
CA GLU A 177 -33.05 2.47 -6.71
C GLU A 177 -33.07 0.95 -6.67
N THR A 178 -32.05 0.34 -6.07
CA THR A 178 -32.01 -1.12 -6.02
C THR A 178 -31.73 -1.68 -4.63
N LEU A 179 -30.73 -1.15 -3.97
CA LEU A 179 -30.37 -1.64 -2.66
C LEU A 179 -31.23 -1.13 -1.53
N GLN A 180 -31.73 0.10 -1.68
CA GLN A 180 -32.57 0.70 -0.65
C GLN A 180 -34.05 0.42 -0.81
N ARG A 181 -34.37 -0.41 -1.79
CA ARG A 181 -35.74 -0.81 -2.08
C ARG A 181 -36.07 -1.90 -1.05
N THR A 182 -37.31 -1.90 -0.57
CA THR A 182 -37.77 -2.91 0.39
C THR A 182 -39.10 -3.47 -0.13
N ASP A 183 -39.06 -4.67 -0.69
CA ASP A 183 -40.26 -5.30 -1.25
C ASP A 183 -41.05 -6.17 -0.29
N ALA A 184 -42.34 -5.86 -0.20
CA ALA A 184 -43.28 -6.56 0.68
C ALA A 184 -43.79 -7.84 0.06
N PRO A 185 -43.77 -8.96 0.83
CA PRO A 185 -44.24 -10.26 0.36
C PRO A 185 -45.71 -10.30 -0.06
N LYS A 186 -45.97 -10.84 -1.24
CA LYS A 186 -47.33 -10.99 -1.77
C LYS A 186 -47.92 -12.32 -1.26
N THR A 187 -48.28 -12.31 0.01
CA THR A 187 -48.82 -13.49 0.68
C THR A 187 -50.21 -13.94 0.23
N HIS A 188 -50.51 -15.21 0.49
CA HIS A 188 -51.77 -15.84 0.13
C HIS A 188 -51.65 -17.29 0.60
N MET A 189 -52.79 -17.95 0.79
CA MET A 189 -52.76 -19.32 1.27
C MET A 189 -53.44 -20.32 0.35
N THR A 190 -52.95 -21.55 0.35
CA THR A 190 -53.51 -22.60 -0.50
C THR A 190 -53.92 -23.84 0.30
N HIS A 191 -54.87 -24.59 -0.25
CA HIS A 191 -55.38 -25.77 0.43
C HIS A 191 -55.50 -27.04 -0.43
N HIS A 192 -54.73 -28.06 -0.06
CA HIS A 192 -54.72 -29.36 -0.74
C HIS A 192 -55.28 -30.45 0.18
N ALA A 193 -55.67 -31.59 -0.39
CA ALA A 193 -56.27 -32.68 0.40
C ALA A 193 -55.53 -33.99 0.29
N VAL A 194 -55.48 -34.73 1.40
CA VAL A 194 -54.82 -36.04 1.40
C VAL A 194 -55.91 -37.10 1.42
N SER A 195 -56.88 -36.94 2.31
CA SER A 195 -57.98 -37.90 2.43
C SER A 195 -59.25 -37.25 2.96
N ASP A 196 -60.23 -38.10 3.26
CA ASP A 196 -61.51 -37.65 3.77
C ASP A 196 -61.34 -37.13 5.20
N HIS A 197 -60.09 -37.09 5.67
CA HIS A 197 -59.82 -36.57 6.99
C HIS A 197 -58.82 -35.40 7.02
N GLU A 198 -57.54 -35.64 6.74
CA GLU A 198 -56.54 -34.56 6.81
C GLU A 198 -56.16 -33.72 5.60
N ALA A 199 -56.32 -32.41 5.77
CA ALA A 199 -55.99 -31.41 4.75
C ALA A 199 -54.61 -30.81 5.05
N THR A 200 -54.02 -30.14 4.06
CA THR A 200 -52.71 -29.51 4.23
C THR A 200 -52.77 -28.02 3.89
N LEU A 201 -52.48 -27.19 4.88
CA LEU A 201 -52.51 -25.74 4.72
C LEU A 201 -51.13 -25.19 4.40
N ARG A 202 -51.04 -24.34 3.38
CA ARG A 202 -49.75 -23.78 3.02
C ARG A 202 -49.77 -22.28 2.85
N CYS A 203 -48.96 -21.60 3.65
CA CYS A 203 -48.87 -20.15 3.58
C CYS A 203 -47.77 -19.80 2.58
N TRP A 204 -47.98 -18.76 1.79
CA TRP A 204 -47.01 -18.36 0.78
C TRP A 204 -46.53 -16.91 0.84
N ALA A 205 -45.21 -16.73 0.88
CA ALA A 205 -44.64 -15.39 0.87
C ALA A 205 -43.91 -15.30 -0.46
N LEU A 206 -44.21 -14.28 -1.25
CA LEU A 206 -43.57 -14.16 -2.55
C LEU A 206 -43.15 -12.73 -2.96
N SER A 207 -42.13 -12.65 -3.81
CA SER A 207 -41.61 -11.38 -4.30
C SER A 207 -41.13 -10.43 -3.22
N PHE A 208 -40.59 -10.96 -2.13
CA PHE A 208 -40.12 -10.09 -1.05
C PHE A 208 -38.60 -9.88 -1.08
N TYR A 209 -38.16 -8.73 -0.54
CA TYR A 209 -36.76 -8.36 -0.46
C TYR A 209 -36.63 -7.36 0.69
N PRO A 210 -35.62 -7.53 1.56
CA PRO A 210 -34.64 -8.62 1.51
C PRO A 210 -35.23 -9.96 1.91
N ALA A 211 -34.37 -10.97 1.94
CA ALA A 211 -34.76 -12.33 2.28
C ALA A 211 -35.23 -12.48 3.73
N GLU A 212 -34.76 -11.60 4.59
CA GLU A 212 -35.14 -11.63 5.99
C GLU A 212 -36.65 -11.78 6.09
N ILE A 213 -37.10 -12.89 6.66
CA ILE A 213 -38.52 -13.13 6.81
C ILE A 213 -38.75 -14.27 7.78
N THR A 214 -39.88 -14.25 8.46
CA THR A 214 -40.24 -15.28 9.41
C THR A 214 -41.73 -15.65 9.29
N LEU A 215 -42.01 -16.68 8.51
CA LEU A 215 -43.37 -17.19 8.32
C LEU A 215 -43.67 -18.12 9.48
N THR A 216 -44.85 -17.95 10.08
CA THR A 216 -45.18 -18.74 11.24
C THR A 216 -46.60 -19.31 11.29
N TRP A 217 -46.71 -20.53 11.81
CA TRP A 217 -47.99 -21.18 12.00
C TRP A 217 -48.32 -20.96 13.47
N GLN A 218 -49.60 -20.89 13.77
CA GLN A 218 -50.04 -20.61 15.14
C GLN A 218 -51.47 -21.08 15.35
N ALA A 219 -51.77 -21.47 16.59
CA ALA A 219 -53.11 -21.90 16.95
C ALA A 219 -53.56 -20.94 18.04
N ASP A 220 -54.46 -20.04 17.67
CA ASP A 220 -54.96 -19.03 18.60
C ASP A 220 -54.00 -18.79 19.78
N GLY A 221 -52.75 -18.49 19.45
CA GLY A 221 -51.75 -18.22 20.46
C GLY A 221 -50.84 -19.39 20.83
N GLU A 222 -51.04 -20.54 20.21
CA GLU A 222 -50.20 -21.69 20.52
C GLU A 222 -49.02 -21.83 19.56
N ASP A 223 -48.38 -23.01 19.57
CA ASP A 223 -47.21 -23.26 18.73
C ASP A 223 -47.32 -24.43 17.76
N GLN A 224 -48.17 -24.31 16.73
CA GLN A 224 -48.32 -25.37 15.74
C GLN A 224 -47.04 -25.47 14.94
N THR A 225 -45.98 -24.84 15.47
CA THR A 225 -44.68 -24.79 14.83
C THR A 225 -43.74 -25.98 15.00
N GLN A 226 -44.08 -26.93 15.86
CA GLN A 226 -43.19 -28.08 16.02
C GLN A 226 -43.39 -29.08 14.87
N ASP A 227 -44.65 -29.26 14.46
CA ASP A 227 -44.95 -30.19 13.38
C ASP A 227 -45.54 -29.50 12.17
N THR A 228 -44.65 -28.89 11.40
CA THR A 228 -44.98 -28.17 10.18
C THR A 228 -43.85 -28.43 9.19
N GLU A 229 -43.82 -27.67 8.11
CA GLU A 229 -42.77 -27.82 7.13
C GLU A 229 -42.31 -26.45 6.62
N LEU A 230 -41.04 -26.15 6.86
CA LEU A 230 -40.43 -24.91 6.39
C LEU A 230 -39.57 -25.26 5.19
N VAL A 231 -39.30 -24.27 4.34
CA VAL A 231 -38.48 -24.44 3.15
C VAL A 231 -37.47 -23.31 3.18
N GLU A 232 -36.23 -23.58 2.79
CA GLU A 232 -35.22 -22.54 2.77
C GLU A 232 -35.74 -21.41 1.90
N THR A 233 -35.61 -20.17 2.37
CA THR A 233 -36.01 -19.05 1.54
C THR A 233 -35.25 -19.28 0.22
N ARG A 234 -35.97 -19.23 -0.89
CA ARG A 234 -35.35 -19.44 -2.18
C ARG A 234 -35.44 -18.19 -3.01
N PRO A 235 -34.42 -17.97 -3.85
CA PRO A 235 -34.35 -16.81 -4.73
C PRO A 235 -35.35 -17.03 -5.85
N ALA A 236 -35.85 -15.95 -6.42
CA ALA A 236 -36.80 -16.10 -7.50
C ALA A 236 -36.04 -15.95 -8.83
N GLY A 237 -34.85 -15.36 -8.79
CA GLY A 237 -34.11 -15.20 -10.02
C GLY A 237 -34.14 -13.78 -10.55
N ASP A 238 -35.00 -12.96 -9.95
CA ASP A 238 -35.12 -11.56 -10.36
C ASP A 238 -34.82 -10.59 -9.22
N GLY A 239 -34.09 -11.06 -8.21
CA GLY A 239 -33.74 -10.18 -7.10
C GLY A 239 -34.67 -10.23 -5.91
N THR A 240 -35.69 -11.05 -5.97
CA THR A 240 -36.64 -11.19 -4.87
C THR A 240 -36.59 -12.62 -4.35
N PHE A 241 -37.25 -12.85 -3.21
CA PHE A 241 -37.28 -14.19 -2.65
C PHE A 241 -38.67 -14.79 -2.44
N GLN A 242 -38.69 -16.10 -2.23
CA GLN A 242 -39.92 -16.87 -2.02
C GLN A 242 -39.77 -17.84 -0.86
N LYS A 243 -40.87 -18.11 -0.15
CA LYS A 243 -40.84 -19.06 0.98
C LYS A 243 -42.24 -19.46 1.39
N TRP A 244 -42.38 -20.67 1.94
CA TRP A 244 -43.70 -21.13 2.40
C TRP A 244 -43.65 -22.13 3.55
N ALA A 245 -44.78 -22.27 4.23
CA ALA A 245 -44.94 -23.20 5.35
C ALA A 245 -46.31 -23.90 5.30
N ALA A 246 -46.37 -25.16 5.73
CA ALA A 246 -47.62 -25.92 5.70
C ALA A 246 -47.84 -26.95 6.82
N VAL A 247 -49.11 -27.13 7.20
CA VAL A 247 -49.52 -28.07 8.25
C VAL A 247 -50.70 -28.95 7.85
N VAL A 248 -50.86 -30.06 8.57
CA VAL A 248 -51.96 -31.00 8.32
C VAL A 248 -53.03 -30.97 9.41
N VAL A 249 -54.29 -30.97 9.00
CA VAL A 249 -55.41 -30.94 9.92
C VAL A 249 -56.61 -31.59 9.23
N PRO A 250 -57.40 -32.38 9.96
CA PRO A 250 -58.55 -33.00 9.31
C PRO A 250 -59.52 -31.95 8.79
N SER A 251 -59.88 -32.09 7.50
CA SER A 251 -60.80 -31.19 6.83
C SER A 251 -61.78 -30.72 7.88
N GLY A 252 -61.41 -29.65 8.56
CA GLY A 252 -62.21 -29.11 9.62
C GLY A 252 -61.43 -28.01 10.31
N GLN A 253 -60.82 -28.33 11.45
CA GLN A 253 -60.04 -27.39 12.26
C GLN A 253 -59.11 -26.49 11.45
N GLU A 254 -59.59 -25.96 10.34
CA GLU A 254 -58.78 -25.12 9.48
C GLU A 254 -59.06 -23.62 9.46
N GLN A 255 -60.12 -23.18 10.13
CA GLN A 255 -60.45 -21.75 10.11
C GLN A 255 -59.89 -21.03 11.33
N ARG A 256 -59.42 -21.79 12.31
CA ARG A 256 -58.88 -21.20 13.52
C ARG A 256 -57.38 -21.02 13.52
N TYR A 257 -56.73 -21.46 12.43
CA TYR A 257 -55.29 -21.34 12.29
C TYR A 257 -54.80 -20.01 11.74
N THR A 258 -53.58 -19.65 12.10
CA THR A 258 -52.98 -18.38 11.71
C THR A 258 -51.56 -18.47 11.13
N CYS A 259 -51.29 -17.60 10.15
CA CYS A 259 -49.97 -17.52 9.52
C CYS A 259 -49.38 -16.15 9.85
N HIS A 260 -48.25 -16.13 10.52
CA HIS A 260 -47.62 -14.88 10.88
C HIS A 260 -46.44 -14.53 9.98
N VAL A 261 -46.74 -13.67 9.03
CA VAL A 261 -45.79 -13.17 8.06
C VAL A 261 -45.07 -11.98 8.66
N GLN A 262 -43.76 -12.08 8.82
CA GLN A 262 -42.98 -11.00 9.39
C GLN A 262 -41.92 -10.59 8.36
N HIS A 263 -41.93 -9.33 7.99
CA HIS A 263 -40.97 -8.84 7.02
C HIS A 263 -40.91 -7.32 7.21
N GLU A 264 -39.77 -6.73 6.92
CA GLU A 264 -39.63 -5.29 7.11
C GLU A 264 -40.38 -4.42 6.11
N GLY A 265 -41.04 -5.04 5.14
CA GLY A 265 -41.80 -4.27 4.17
C GLY A 265 -43.24 -4.19 4.61
N LEU A 266 -43.52 -4.77 5.78
CA LEU A 266 -44.87 -4.79 6.35
C LEU A 266 -44.95 -4.01 7.66
N PRO A 267 -45.82 -2.99 7.73
CA PRO A 267 -45.97 -2.20 8.95
C PRO A 267 -46.31 -3.10 10.15
N LYS A 268 -47.39 -3.87 10.00
CA LYS A 268 -47.86 -4.78 11.03
C LYS A 268 -47.83 -6.23 10.51
N PRO A 269 -47.38 -7.17 11.34
CA PRO A 269 -47.29 -8.58 11.00
C PRO A 269 -48.63 -9.09 10.47
N LEU A 270 -48.64 -9.59 9.24
CA LEU A 270 -49.89 -10.06 8.64
C LEU A 270 -50.46 -11.33 9.27
N THR A 271 -51.78 -11.45 9.17
CA THR A 271 -52.53 -12.60 9.70
C THR A 271 -53.55 -13.06 8.64
N LEU A 272 -53.79 -14.36 8.52
CA LEU A 272 -54.70 -14.88 7.48
C LEU A 272 -55.77 -15.92 7.81
N ARG A 273 -56.80 -15.93 6.96
CA ARG A 273 -57.96 -16.84 7.03
C ARG A 273 -58.31 -17.37 5.63
N TRP A 274 -58.94 -18.55 5.60
CA TRP A 274 -59.41 -19.20 4.38
C TRP A 274 -60.18 -20.48 4.77
N MET B 1 -13.13 -34.81 7.15
CA MET B 1 -13.86 -33.66 6.56
C MET B 1 -15.39 -33.82 6.65
N ILE B 2 -16.10 -32.72 6.44
CA ILE B 2 -17.56 -32.65 6.49
C ILE B 2 -18.33 -32.81 5.15
N GLN B 3 -19.42 -33.58 5.18
CA GLN B 3 -20.25 -33.83 4.01
C GLN B 3 -21.72 -33.51 4.27
N ARG B 4 -22.33 -32.74 3.37
CA ARG B 4 -23.74 -32.35 3.48
C ARG B 4 -24.53 -32.67 2.21
N THR B 5 -25.77 -33.08 2.36
CA THR B 5 -26.62 -33.40 1.21
C THR B 5 -27.47 -32.22 0.79
N PRO B 6 -27.46 -31.90 -0.52
CA PRO B 6 -28.17 -30.80 -1.13
C PRO B 6 -29.69 -30.85 -0.95
N LYS B 7 -30.26 -29.74 -0.52
CA LYS B 7 -31.71 -29.62 -0.34
C LYS B 7 -32.11 -29.14 -1.74
N ILE B 8 -32.92 -29.92 -2.44
CA ILE B 8 -33.37 -29.55 -3.80
C ILE B 8 -34.78 -28.91 -3.85
N GLN B 9 -34.90 -27.85 -4.65
CA GLN B 9 -36.15 -27.12 -4.86
C GLN B 9 -36.31 -26.76 -6.32
N VAL B 10 -37.40 -27.22 -6.92
CA VAL B 10 -37.71 -26.90 -8.32
C VAL B 10 -39.06 -26.18 -8.30
N TYR B 11 -39.06 -24.97 -8.84
CA TYR B 11 -40.23 -24.11 -8.89
C TYR B 11 -40.10 -23.18 -10.09
N SER B 12 -40.95 -22.16 -10.13
CA SER B 12 -40.93 -21.20 -11.21
C SER B 12 -40.82 -19.82 -10.59
N ARG B 13 -40.36 -18.88 -11.38
CA ARG B 13 -40.17 -17.51 -10.91
C ARG B 13 -41.47 -16.73 -10.78
N HIS B 14 -42.49 -17.17 -11.51
CA HIS B 14 -43.80 -16.52 -11.49
C HIS B 14 -44.89 -17.59 -11.54
N PRO B 15 -46.10 -17.24 -11.12
CA PRO B 15 -47.25 -18.15 -11.11
C PRO B 15 -47.30 -18.91 -12.42
N ALA B 16 -47.18 -20.23 -12.33
CA ALA B 16 -47.18 -21.06 -13.53
C ALA B 16 -48.50 -20.95 -14.28
N GLU B 17 -48.56 -19.98 -15.18
CA GLU B 17 -49.76 -19.76 -16.00
C GLU B 17 -49.57 -20.37 -17.37
N ASN B 18 -50.14 -21.56 -17.54
CA ASN B 18 -50.02 -22.27 -18.82
C ASN B 18 -50.00 -21.32 -20.02
N GLY B 19 -48.89 -21.25 -20.75
CA GLY B 19 -48.84 -20.38 -21.92
C GLY B 19 -47.96 -19.14 -21.91
N LYS B 20 -47.90 -18.42 -20.79
CA LYS B 20 -47.05 -17.22 -20.72
C LYS B 20 -45.56 -17.58 -20.51
N SER B 21 -44.65 -16.69 -20.87
CA SER B 21 -43.22 -16.97 -20.68
C SER B 21 -42.92 -17.04 -19.20
N ASN B 22 -41.98 -17.89 -18.82
CA ASN B 22 -41.64 -18.00 -17.42
C ASN B 22 -40.23 -18.56 -17.29
N PHE B 23 -39.80 -18.74 -16.04
CA PHE B 23 -38.49 -19.27 -15.73
C PHE B 23 -38.56 -20.46 -14.77
N LEU B 24 -37.84 -21.53 -15.09
CA LEU B 24 -37.84 -22.72 -14.26
C LEU B 24 -36.55 -22.78 -13.45
N ASN B 25 -36.68 -22.77 -12.13
CA ASN B 25 -35.53 -22.80 -11.24
C ASN B 25 -35.32 -24.14 -10.57
N CYS B 26 -34.08 -24.38 -10.19
CA CYS B 26 -33.72 -25.58 -9.45
C CYS B 26 -32.70 -25.06 -8.45
N TYR B 27 -33.18 -24.67 -7.29
CA TYR B 27 -32.34 -24.16 -6.24
C TYR B 27 -31.83 -25.29 -5.36
N VAL B 28 -30.52 -25.56 -5.41
CA VAL B 28 -29.89 -26.60 -4.60
C VAL B 28 -29.14 -25.86 -3.52
N SER B 29 -29.21 -26.36 -2.29
CA SER B 29 -28.55 -25.73 -1.16
C SER B 29 -28.12 -26.66 -0.05
N GLY B 30 -27.38 -26.04 0.86
CA GLY B 30 -26.87 -26.74 2.02
C GLY B 30 -26.03 -27.92 1.70
N PHE B 31 -25.42 -27.94 0.51
CA PHE B 31 -24.57 -29.06 0.20
C PHE B 31 -23.10 -28.78 0.52
N HIS B 32 -22.32 -29.86 0.50
CA HIS B 32 -20.87 -29.86 0.75
C HIS B 32 -20.33 -31.31 0.60
N PRO B 33 -19.20 -31.43 -0.10
CA PRO B 33 -18.43 -30.35 -0.72
C PRO B 33 -19.09 -29.64 -1.92
N SER B 34 -18.35 -28.74 -2.50
CA SER B 34 -18.80 -27.93 -3.63
C SER B 34 -19.13 -28.59 -4.96
N ASP B 35 -18.37 -29.59 -5.34
CA ASP B 35 -18.63 -30.26 -6.60
C ASP B 35 -20.05 -30.77 -6.60
N ILE B 36 -20.81 -30.33 -7.59
CA ILE B 36 -22.18 -30.76 -7.76
C ILE B 36 -22.56 -30.64 -9.22
N GLU B 37 -23.30 -31.63 -9.70
CA GLU B 37 -23.77 -31.69 -11.08
C GLU B 37 -25.30 -31.56 -11.07
N VAL B 38 -25.79 -30.46 -11.64
CA VAL B 38 -27.22 -30.14 -11.70
C VAL B 38 -27.69 -29.94 -13.13
N ASP B 39 -28.82 -30.51 -13.47
CA ASP B 39 -29.37 -30.38 -14.81
C ASP B 39 -30.90 -30.26 -14.83
N LEU B 40 -31.40 -29.51 -15.80
CA LEU B 40 -32.83 -29.33 -15.93
C LEU B 40 -33.37 -30.31 -16.97
N LEU B 41 -34.52 -30.89 -16.64
CA LEU B 41 -35.15 -31.88 -17.49
C LEU B 41 -36.51 -31.45 -18.03
N LYS B 42 -36.74 -31.83 -19.29
CA LYS B 42 -37.98 -31.57 -19.98
C LYS B 42 -38.35 -32.83 -20.73
N ASN B 43 -39.22 -33.60 -20.12
CA ASN B 43 -39.70 -34.86 -20.68
C ASN B 43 -38.56 -35.89 -20.70
N GLY B 44 -37.64 -35.74 -19.76
CA GLY B 44 -36.52 -36.66 -19.64
C GLY B 44 -35.34 -36.35 -20.52
N GLU B 45 -35.29 -35.15 -21.07
CA GLU B 45 -34.18 -34.76 -21.91
C GLU B 45 -33.55 -33.47 -21.43
N ARG B 46 -32.22 -33.54 -21.26
CA ARG B 46 -31.37 -32.44 -20.81
C ARG B 46 -31.60 -31.13 -21.56
N ILE B 47 -31.89 -30.06 -20.82
CA ILE B 47 -32.11 -28.75 -21.40
C ILE B 47 -30.74 -28.11 -21.51
N GLU B 48 -30.46 -27.48 -22.64
CA GLU B 48 -29.15 -26.86 -22.85
C GLU B 48 -28.98 -25.43 -22.36
N LYS B 49 -29.90 -24.55 -22.71
CA LYS B 49 -29.71 -23.18 -22.32
C LYS B 49 -30.12 -22.95 -20.87
N VAL B 50 -29.23 -23.38 -19.98
CA VAL B 50 -29.46 -23.25 -18.55
C VAL B 50 -28.41 -22.41 -17.87
N GLU B 51 -28.84 -21.38 -17.15
CA GLU B 51 -27.90 -20.53 -16.42
C GLU B 51 -27.80 -20.90 -14.94
N HIS B 52 -26.77 -20.42 -14.28
CA HIS B 52 -26.60 -20.70 -12.86
C HIS B 52 -25.85 -19.58 -12.14
N SER B 53 -26.07 -19.48 -10.83
CA SER B 53 -25.44 -18.44 -10.04
C SER B 53 -24.00 -18.73 -9.63
N ASP B 54 -23.30 -17.70 -9.15
CA ASP B 54 -21.91 -17.85 -8.74
C ASP B 54 -21.91 -18.54 -7.38
N LEU B 55 -21.16 -19.62 -7.27
CA LEU B 55 -21.10 -20.37 -6.04
C LEU B 55 -20.89 -19.44 -4.86
N SER B 56 -21.75 -19.58 -3.85
CA SER B 56 -21.63 -18.81 -2.62
C SER B 56 -21.96 -19.80 -1.53
N PHE B 57 -21.88 -19.37 -0.28
CA PHE B 57 -22.22 -20.26 0.81
C PHE B 57 -22.96 -19.52 1.91
N SER B 58 -23.34 -20.24 2.97
CA SER B 58 -24.10 -19.65 4.06
C SER B 58 -23.32 -19.59 5.35
N LYS B 59 -23.90 -18.95 6.36
CA LYS B 59 -23.25 -18.79 7.65
C LYS B 59 -22.68 -20.09 8.21
N ASP B 60 -23.27 -21.23 7.84
CA ASP B 60 -22.80 -22.53 8.32
C ASP B 60 -21.82 -23.19 7.32
N TRP B 61 -21.37 -22.38 6.36
CA TRP B 61 -20.43 -22.83 5.33
C TRP B 61 -21.05 -23.69 4.25
N SER B 62 -22.36 -23.92 4.29
CA SER B 62 -22.98 -24.73 3.25
C SER B 62 -23.09 -23.93 1.92
N PHE B 63 -23.04 -24.65 0.81
CA PHE B 63 -23.09 -24.02 -0.51
C PHE B 63 -24.52 -23.99 -1.00
N TYR B 64 -24.85 -22.91 -1.70
CA TYR B 64 -26.16 -22.75 -2.33
C TYR B 64 -25.88 -22.39 -3.79
N LEU B 65 -26.79 -22.80 -4.67
CA LEU B 65 -26.63 -22.58 -6.10
C LEU B 65 -27.98 -22.67 -6.80
N LEU B 66 -28.20 -21.80 -7.77
CA LEU B 66 -29.47 -21.79 -8.48
C LEU B 66 -29.29 -22.02 -9.99
N TYR B 67 -30.17 -22.83 -10.57
CA TYR B 67 -30.13 -23.14 -11.99
C TYR B 67 -31.50 -22.81 -12.51
N TYR B 68 -31.51 -21.97 -13.54
CA TYR B 68 -32.73 -21.52 -14.15
C TYR B 68 -32.70 -21.59 -15.69
N THR B 69 -33.89 -21.61 -16.27
CA THR B 69 -34.07 -21.69 -17.70
C THR B 69 -35.43 -21.10 -18.05
N GLU B 70 -35.50 -20.25 -19.08
CA GLU B 70 -36.76 -19.64 -19.50
C GLU B 70 -37.57 -20.77 -20.11
N PHE B 71 -38.88 -20.67 -20.01
CA PHE B 71 -39.72 -21.73 -20.56
C PHE B 71 -41.18 -21.32 -20.53
N THR B 72 -41.98 -22.04 -21.29
CA THR B 72 -43.41 -21.79 -21.34
C THR B 72 -44.03 -23.13 -21.02
N PRO B 73 -44.67 -23.22 -19.85
CA PRO B 73 -45.31 -24.44 -19.37
C PRO B 73 -46.63 -24.79 -20.09
N THR B 74 -46.99 -26.06 -19.94
CA THR B 74 -48.18 -26.62 -20.53
C THR B 74 -48.68 -27.79 -19.67
N GLU B 75 -49.99 -27.90 -19.43
CA GLU B 75 -50.51 -28.97 -18.58
C GLU B 75 -49.84 -30.33 -18.81
N LYS B 76 -49.27 -30.51 -19.99
CA LYS B 76 -48.53 -31.74 -20.28
C LYS B 76 -47.27 -31.52 -21.09
N ASP B 77 -46.20 -31.37 -20.32
CA ASP B 77 -44.82 -31.12 -20.73
C ASP B 77 -44.24 -31.23 -19.34
N GLU B 78 -43.51 -32.29 -19.05
CA GLU B 78 -42.98 -32.49 -17.71
C GLU B 78 -41.59 -31.93 -17.47
N TYR B 79 -41.42 -31.24 -16.34
CA TYR B 79 -40.13 -30.66 -15.99
C TYR B 79 -39.59 -31.20 -14.66
N ALA B 80 -38.29 -31.44 -14.60
CA ALA B 80 -37.69 -31.95 -13.38
C ALA B 80 -36.27 -31.44 -13.28
N CYS B 81 -35.63 -31.71 -12.14
CA CYS B 81 -34.25 -31.28 -11.97
C CYS B 81 -33.43 -32.52 -11.58
N ARG B 82 -32.20 -32.61 -12.06
CA ARG B 82 -31.41 -33.75 -11.68
C ARG B 82 -30.10 -33.32 -11.04
N VAL B 83 -29.89 -33.73 -9.80
CA VAL B 83 -28.70 -33.36 -9.07
C VAL B 83 -27.83 -34.56 -8.78
N ASN B 84 -26.53 -34.35 -8.78
CA ASN B 84 -25.60 -35.41 -8.45
C ASN B 84 -24.58 -34.82 -7.50
N HIS B 85 -24.31 -35.53 -6.41
CA HIS B 85 -23.37 -35.11 -5.38
C HIS B 85 -22.90 -36.38 -4.67
N VAL B 86 -21.65 -36.39 -4.18
CA VAL B 86 -21.10 -37.57 -3.51
C VAL B 86 -22.00 -38.12 -2.42
N THR B 87 -22.80 -37.27 -1.80
CA THR B 87 -23.69 -37.73 -0.75
C THR B 87 -24.81 -38.56 -1.33
N LEU B 88 -25.00 -38.44 -2.65
CA LEU B 88 -26.06 -39.17 -3.35
C LEU B 88 -25.61 -40.52 -3.96
N SER B 89 -26.04 -41.64 -3.37
CA SER B 89 -25.68 -42.96 -3.91
C SER B 89 -26.06 -43.10 -5.39
N GLN B 90 -26.86 -42.16 -5.88
CA GLN B 90 -27.28 -42.20 -7.27
C GLN B 90 -28.00 -40.90 -7.58
N PRO B 91 -27.74 -40.31 -8.76
CA PRO B 91 -28.40 -39.06 -9.13
C PRO B 91 -29.84 -39.04 -8.67
N LYS B 92 -30.22 -37.92 -8.08
CA LYS B 92 -31.55 -37.69 -7.53
C LYS B 92 -32.31 -36.80 -8.53
N ILE B 93 -33.54 -37.15 -8.87
CA ILE B 93 -34.33 -36.34 -9.79
C ILE B 93 -35.55 -35.83 -9.04
N VAL B 94 -35.89 -34.58 -9.30
CA VAL B 94 -37.02 -33.92 -8.68
C VAL B 94 -37.87 -33.19 -9.73
N LYS B 95 -39.12 -33.64 -9.90
CA LYS B 95 -40.07 -33.06 -10.86
C LYS B 95 -40.50 -31.69 -10.40
N TRP B 96 -41.29 -31.01 -11.23
CA TRP B 96 -41.79 -29.70 -10.91
C TRP B 96 -43.25 -29.79 -10.55
N ASP B 97 -43.60 -29.40 -9.32
CA ASP B 97 -45.00 -29.45 -8.91
C ASP B 97 -45.50 -28.01 -8.95
N ARG B 98 -46.25 -27.66 -9.99
CA ARG B 98 -46.72 -26.28 -10.14
C ARG B 98 -47.37 -25.66 -8.91
N ASP B 99 -47.71 -26.49 -7.92
CA ASP B 99 -48.31 -26.00 -6.69
C ASP B 99 -47.22 -25.33 -5.86
N MET B 100 -46.04 -25.94 -5.88
CA MET B 100 -44.90 -25.43 -5.12
C MET B 100 -43.92 -24.69 -6.04
N LEU C 1 -15.33 -2.75 -2.14
CA LEU C 1 -13.87 -2.78 -2.33
C LEU C 1 -13.25 -3.91 -1.50
N LEU C 2 -12.33 -4.66 -2.11
CA LEU C 2 -11.67 -5.77 -1.47
C LEU C 2 -10.63 -5.34 -0.45
N PHE C 3 -10.44 -6.18 0.56
CA PHE C 3 -9.46 -5.93 1.61
C PHE C 3 -8.12 -6.11 0.91
N GLY C 4 -7.15 -5.25 1.21
CA GLY C 4 -5.87 -5.33 0.53
C GLY C 4 -4.74 -6.06 1.22
N TYR C 5 -5.05 -6.84 2.26
CA TYR C 5 -3.96 -7.52 2.90
C TYR C 5 -4.12 -8.93 3.42
N PRO C 6 -4.33 -9.90 2.51
CA PRO C 6 -4.48 -11.31 2.90
C PRO C 6 -3.13 -11.81 3.38
N VAL C 7 -3.16 -12.84 4.21
CA VAL C 7 -1.97 -13.49 4.77
C VAL C 7 -2.33 -14.97 4.84
N ALA C 8 -1.32 -15.83 4.65
CA ALA C 8 -1.48 -17.28 4.65
C ALA C 8 -1.64 -17.94 6.03
N VAL C 9 -2.50 -18.97 6.10
CA VAL C 9 -2.73 -19.71 7.34
C VAL C 9 -1.37 -20.34 7.68
N LYS D 1 1.40 13.28 -11.76
CA LYS D 1 0.05 12.69 -12.10
C LYS D 1 -0.81 12.28 -10.90
N GLU D 2 -0.55 11.06 -10.42
CA GLU D 2 -1.29 10.45 -9.32
C GLU D 2 -1.29 11.14 -7.99
N VAL D 3 -0.12 11.44 -7.47
CA VAL D 3 -0.02 12.12 -6.20
C VAL D 3 0.66 13.47 -6.33
N GLU D 4 0.13 14.44 -5.60
CA GLU D 4 0.65 15.81 -5.61
C GLU D 4 0.91 16.40 -4.21
N GLN D 5 2.20 16.65 -3.95
CA GLN D 5 2.66 17.25 -2.73
C GLN D 5 2.70 18.74 -3.14
N ASN D 6 1.89 19.51 -2.42
CA ASN D 6 1.72 20.96 -2.56
C ASN D 6 2.80 21.83 -3.17
N SER D 7 3.92 22.00 -2.47
CA SER D 7 4.97 22.84 -2.99
C SER D 7 6.37 22.32 -2.84
N GLY D 8 7.11 22.45 -3.93
CA GLY D 8 8.50 22.01 -3.92
C GLY D 8 9.27 22.91 -2.97
N PRO D 9 9.73 24.10 -3.43
CA PRO D 9 10.47 25.01 -2.57
C PRO D 9 9.60 25.56 -1.41
N LEU D 10 9.99 25.23 -0.18
CA LEU D 10 9.28 25.67 1.05
C LEU D 10 10.24 26.10 2.15
N SER D 11 9.68 26.57 3.28
CA SER D 11 10.48 27.05 4.42
C SER D 11 9.70 27.27 5.73
N VAL D 12 10.42 27.22 6.86
CA VAL D 12 9.84 27.38 8.21
C VAL D 12 10.87 27.64 9.31
N PRO D 13 10.62 28.62 10.18
CA PRO D 13 11.55 28.95 11.28
C PRO D 13 11.58 27.85 12.36
N GLU D 14 12.27 28.15 13.47
CA GLU D 14 12.41 27.23 14.59
C GLU D 14 11.24 27.20 15.58
N GLY D 15 11.13 26.08 16.28
CA GLY D 15 10.10 25.88 17.27
C GLY D 15 8.68 25.88 16.73
N ALA D 16 8.54 26.26 15.46
CA ALA D 16 7.25 26.36 14.79
C ALA D 16 6.59 25.03 14.43
N ILE D 17 5.57 25.12 13.58
CA ILE D 17 4.82 23.96 13.07
C ILE D 17 5.00 23.93 11.55
N ALA D 18 5.16 22.72 11.00
CA ALA D 18 5.35 22.53 9.56
C ALA D 18 4.23 21.65 9.05
N SER D 19 3.45 22.18 8.12
CA SER D 19 2.33 21.44 7.55
C SER D 19 2.58 21.02 6.13
N LEU D 20 2.54 19.72 5.91
CA LEU D 20 2.74 19.16 4.59
C LEU D 20 1.43 18.53 4.15
N ASN D 21 0.99 18.85 2.95
CA ASN D 21 -0.26 18.33 2.44
C ASN D 21 0.06 17.37 1.30
N CYS D 22 -0.82 16.41 1.09
CA CYS D 22 -0.67 15.45 0.02
C CYS D 22 -2.06 15.07 -0.52
N THR D 23 -2.14 14.88 -1.82
CA THR D 23 -3.42 14.54 -2.41
C THR D 23 -3.28 13.41 -3.41
N TYR D 24 -4.12 12.40 -3.24
CA TYR D 24 -4.10 11.23 -4.12
C TYR D 24 -5.38 11.05 -4.92
N SER D 25 -5.26 10.38 -6.07
CA SER D 25 -6.40 10.19 -6.93
C SER D 25 -7.10 8.83 -6.86
N ASP D 26 -6.44 7.77 -6.40
CA ASP D 26 -7.15 6.49 -6.37
C ASP D 26 -7.99 6.28 -5.11
N ARG D 27 -9.29 6.49 -5.25
CA ARG D 27 -10.24 6.34 -4.16
C ARG D 27 -10.00 5.03 -3.41
N GLY D 28 -9.58 4.01 -4.14
CA GLY D 28 -9.35 2.72 -3.52
C GLY D 28 -8.12 2.61 -2.66
N SER D 29 -7.39 3.71 -2.47
CA SER D 29 -6.18 3.64 -1.65
C SER D 29 -6.53 3.26 -0.21
N GLN D 30 -5.67 2.46 0.42
CA GLN D 30 -5.93 1.99 1.77
C GLN D 30 -4.78 2.12 2.77
N SER D 31 -3.58 2.39 2.26
CA SER D 31 -2.37 2.56 3.06
C SER D 31 -1.58 3.81 2.64
N PHE D 32 -1.38 4.70 3.61
CA PHE D 32 -0.69 5.98 3.43
C PHE D 32 0.54 6.14 4.34
N PHE D 33 1.64 6.63 3.74
CA PHE D 33 2.90 6.83 4.44
C PHE D 33 3.51 8.19 4.18
N TRP D 34 4.45 8.51 5.06
CA TRP D 34 5.22 9.75 5.02
C TRP D 34 6.67 9.35 5.24
N TYR D 35 7.53 9.72 4.29
CA TYR D 35 8.96 9.44 4.34
C TYR D 35 9.75 10.74 4.42
N ARG D 36 10.93 10.67 5.02
CA ARG D 36 11.81 11.83 5.19
C ARG D 36 13.13 11.54 4.48
N GLN D 37 13.52 12.44 3.57
CA GLN D 37 14.75 12.24 2.81
C GLN D 37 15.85 13.29 2.93
N TYR D 38 16.84 13.03 3.78
CA TYR D 38 17.96 13.96 3.93
C TYR D 38 18.86 13.91 2.69
N SER D 39 19.14 15.07 2.12
CA SER D 39 19.97 15.21 0.93
C SER D 39 21.11 14.18 0.84
N GLY D 40 21.18 13.47 -0.27
CA GLY D 40 22.21 12.47 -0.45
C GLY D 40 21.97 11.21 0.36
N LYS D 41 20.77 11.04 0.89
CA LYS D 41 20.48 9.84 1.68
C LYS D 41 19.22 9.10 1.24
N SER D 42 18.89 8.02 1.93
CA SER D 42 17.71 7.25 1.57
C SER D 42 16.51 7.69 2.40
N PRO D 43 15.29 7.61 1.83
CA PRO D 43 14.10 7.99 2.56
C PRO D 43 13.83 7.03 3.72
N GLU D 44 13.77 7.60 4.92
CA GLU D 44 13.52 6.90 6.17
C GLU D 44 12.03 6.97 6.51
N LEU D 45 11.33 5.85 6.39
CA LEU D 45 9.90 5.82 6.70
C LEU D 45 9.67 6.43 8.08
N ILE D 46 8.83 7.46 8.14
CA ILE D 46 8.58 8.13 9.42
C ILE D 46 7.13 8.18 9.89
N MET D 47 6.20 7.68 9.07
CA MET D 47 4.78 7.73 9.43
C MET D 47 3.89 6.87 8.54
N SER D 48 3.00 6.08 9.16
CA SER D 48 2.07 5.21 8.44
C SER D 48 0.66 5.40 8.99
N ILE D 49 -0.34 5.56 8.12
CA ILE D 49 -1.72 5.72 8.59
C ILE D 49 -2.61 4.74 7.87
N TYR D 50 -3.38 3.95 8.61
CA TYR D 50 -4.24 2.95 7.98
C TYR D 50 -5.74 3.24 8.09
N SER D 51 -6.11 4.17 8.93
CA SER D 51 -7.51 4.54 9.10
C SER D 51 -7.58 6.04 8.92
N ASN D 52 -8.70 6.56 8.46
CA ASN D 52 -8.71 8.00 8.33
C ASN D 52 -9.00 8.66 9.66
N GLY D 53 -8.08 9.54 10.06
CA GLY D 53 -8.21 10.25 11.30
C GLY D 53 -6.89 10.89 11.65
N ASP D 54 -6.62 11.04 12.93
CA ASP D 54 -5.40 11.67 13.41
C ASP D 54 -4.51 10.68 14.15
N LYS D 55 -3.27 10.54 13.70
CA LYS D 55 -2.32 9.68 14.41
C LYS D 55 -1.26 10.66 14.81
N GLU D 56 -1.02 10.76 16.11
CA GLU D 56 -0.03 11.70 16.63
C GLU D 56 0.93 10.99 17.56
N ASP D 57 1.81 10.17 17.00
CA ASP D 57 2.79 9.50 17.83
C ASP D 57 4.18 10.05 17.55
N GLY D 58 4.71 10.74 18.56
CA GLY D 58 6.01 11.34 18.46
C GLY D 58 5.80 12.84 18.42
N ARG D 59 6.66 13.53 17.69
CA ARG D 59 6.58 14.97 17.56
C ARG D 59 5.87 15.25 16.25
N PHE D 60 5.52 14.17 15.56
CA PHE D 60 4.85 14.24 14.28
C PHE D 60 3.37 13.94 14.45
N THR D 61 2.55 14.54 13.61
CA THR D 61 1.12 14.27 13.64
C THR D 61 0.67 14.07 12.20
N ALA D 62 -0.02 12.95 11.98
CA ALA D 62 -0.50 12.59 10.65
C ALA D 62 -2.02 12.60 10.60
N GLN D 63 -2.56 13.17 9.53
CA GLN D 63 -4.01 13.22 9.35
C GLN D 63 -4.38 12.57 8.03
N LEU D 64 -5.50 11.87 8.05
CA LEU D 64 -6.00 11.21 6.87
C LEU D 64 -7.49 11.46 6.72
N ASN D 65 -7.87 12.01 5.58
CA ASN D 65 -9.27 12.27 5.27
C ASN D 65 -9.51 11.51 3.96
N LYS D 66 -10.19 10.38 4.04
CA LYS D 66 -10.43 9.62 2.82
C LYS D 66 -11.47 10.28 1.94
N ALA D 67 -12.48 10.88 2.57
CA ALA D 67 -13.54 11.55 1.83
C ALA D 67 -13.01 12.63 0.90
N SER D 68 -11.95 13.31 1.33
CA SER D 68 -11.33 14.38 0.53
C SER D 68 -10.05 13.86 -0.09
N GLN D 69 -9.71 12.60 0.23
CA GLN D 69 -8.49 11.96 -0.29
C GLN D 69 -7.34 12.95 -0.14
N TYR D 70 -7.02 13.22 1.12
CA TYR D 70 -6.00 14.18 1.52
C TYR D 70 -5.19 13.56 2.67
N VAL D 71 -3.90 13.87 2.71
CA VAL D 71 -3.02 13.34 3.76
C VAL D 71 -2.14 14.46 4.35
N SER D 72 -2.03 14.47 5.69
CA SER D 72 -1.24 15.47 6.37
C SER D 72 -0.12 14.97 7.25
N LEU D 73 0.77 15.90 7.56
CA LEU D 73 1.92 15.68 8.43
C LEU D 73 2.31 17.04 8.99
N LEU D 74 1.98 17.24 10.26
CA LEU D 74 2.33 18.47 10.92
C LEU D 74 3.43 18.16 11.93
N ILE D 75 4.55 18.88 11.80
CA ILE D 75 5.70 18.75 12.68
C ILE D 75 5.68 19.87 13.72
N ARG D 76 5.32 19.49 14.94
CA ARG D 76 5.24 20.39 16.08
C ARG D 76 6.69 20.46 16.53
N ASP D 77 7.11 21.61 17.05
CA ASP D 77 8.47 21.80 17.55
C ASP D 77 9.50 21.63 16.45
N SER D 78 9.84 22.70 15.76
CA SER D 78 10.82 22.59 14.69
C SER D 78 12.29 22.67 15.11
N GLN D 79 13.04 21.66 14.71
CA GLN D 79 14.46 21.55 15.00
C GLN D 79 15.13 21.72 13.64
N PRO D 80 16.33 22.29 13.59
CA PRO D 80 16.96 22.43 12.27
C PRO D 80 17.22 21.06 11.62
N SER D 81 17.36 20.05 12.46
CA SER D 81 17.62 18.69 12.00
C SER D 81 16.50 18.17 11.13
N ASP D 82 15.31 18.73 11.27
CA ASP D 82 14.18 18.29 10.47
C ASP D 82 14.35 18.75 9.04
N SER D 83 15.37 19.58 8.79
CA SER D 83 15.63 20.07 7.45
C SER D 83 15.84 18.87 6.52
N ALA D 84 14.83 18.60 5.70
CA ALA D 84 14.88 17.49 4.76
C ALA D 84 13.67 17.61 3.87
N THR D 85 13.62 16.78 2.84
CA THR D 85 12.51 16.78 1.91
C THR D 85 11.59 15.61 2.23
N TYR D 86 10.32 15.92 2.43
CA TYR D 86 9.32 14.92 2.81
C TYR D 86 8.53 14.30 1.68
N LEU D 87 8.64 12.97 1.59
CA LEU D 87 7.96 12.18 0.57
C LEU D 87 6.70 11.51 1.10
N CYS D 88 5.65 11.56 0.28
CA CYS D 88 4.34 11.02 0.63
C CYS D 88 3.99 9.84 -0.25
N ALA D 89 3.72 8.70 0.38
CA ALA D 89 3.40 7.47 -0.33
C ALA D 89 2.01 6.94 0.01
N VAL D 90 1.38 6.33 -1.00
CA VAL D 90 0.03 5.77 -0.92
C VAL D 90 -0.07 4.50 -1.75
N THR D 91 -0.87 3.54 -1.32
CA THR D 91 -1.05 2.33 -2.11
C THR D 91 -2.42 1.73 -1.84
N THR D 92 -2.79 0.75 -2.66
CA THR D 92 -4.08 0.09 -2.56
C THR D 92 -4.04 -1.20 -1.74
N ASP D 93 -3.13 -2.08 -2.14
CA ASP D 93 -2.98 -3.39 -1.52
C ASP D 93 -1.52 -3.83 -1.39
N SER D 94 -1.32 -5.04 -0.86
CA SER D 94 0.00 -5.64 -0.69
C SER D 94 0.71 -5.84 -2.03
N TRP D 95 -0.05 -5.72 -3.11
CA TRP D 95 0.49 -5.90 -4.45
C TRP D 95 0.35 -4.65 -5.31
N GLY D 96 -0.19 -3.60 -4.71
CA GLY D 96 -0.34 -2.37 -5.43
C GLY D 96 1.03 -1.70 -5.50
N LYS D 97 1.23 -0.83 -6.47
CA LYS D 97 2.48 -0.09 -6.60
C LYS D 97 2.44 1.13 -5.69
N LEU D 98 3.48 1.27 -4.88
CA LEU D 98 3.60 2.39 -3.97
C LEU D 98 3.65 3.63 -4.83
N GLN D 99 2.94 4.67 -4.42
CA GLN D 99 2.94 5.91 -5.17
C GLN D 99 3.39 7.08 -4.31
N PHE D 100 4.44 7.73 -4.80
CA PHE D 100 5.07 8.87 -4.16
C PHE D 100 4.73 10.20 -4.80
N GLY D 101 4.89 11.26 -4.02
CA GLY D 101 4.64 12.61 -4.49
C GLY D 101 6.01 13.21 -4.75
N ALA D 102 6.08 14.15 -5.69
CA ALA D 102 7.36 14.77 -6.05
C ALA D 102 8.19 15.14 -4.83
N GLY D 103 7.53 15.13 -3.68
CA GLY D 103 8.23 15.46 -2.47
C GLY D 103 8.19 16.96 -2.30
N THR D 104 7.98 17.39 -1.06
CA THR D 104 7.93 18.81 -0.76
C THR D 104 9.14 19.09 0.11
N GLN D 105 10.00 19.98 -0.39
CA GLN D 105 11.23 20.35 0.32
C GLN D 105 10.94 21.32 1.46
N VAL D 106 11.33 20.91 2.67
CA VAL D 106 11.11 21.69 3.88
C VAL D 106 12.44 22.26 4.34
N VAL D 107 12.39 23.41 4.99
CA VAL D 107 13.60 24.10 5.47
C VAL D 107 13.40 24.73 6.84
N VAL D 108 14.04 24.21 7.88
CA VAL D 108 13.93 24.80 9.22
C VAL D 108 15.02 25.88 9.36
N THR D 109 14.59 27.14 9.28
CA THR D 109 15.50 28.29 9.39
C THR D 109 15.70 28.79 10.83
N PRO D 110 16.92 28.60 11.38
CA PRO D 110 17.34 28.97 12.72
C PRO D 110 17.27 30.46 13.02
N ASP D 111 16.91 30.77 14.26
CA ASP D 111 16.86 32.16 14.69
C ASP D 111 18.19 32.39 15.39
N ILE D 112 18.68 33.62 15.32
CA ILE D 112 19.92 33.94 15.97
C ILE D 112 19.56 34.98 17.01
N GLN D 113 19.37 34.52 18.24
CA GLN D 113 19.03 35.42 19.32
C GLN D 113 19.91 36.67 19.26
N ASN D 114 21.07 36.56 18.62
CA ASN D 114 21.97 37.71 18.46
C ASN D 114 22.75 37.64 17.15
N PRO D 115 22.34 38.46 16.16
CA PRO D 115 22.98 38.47 14.85
C PRO D 115 24.29 39.23 14.90
N ASP D 116 25.23 38.88 14.02
CA ASP D 116 26.51 39.58 14.00
C ASP D 116 27.15 39.48 12.62
N PRO D 117 26.41 39.90 11.57
CA PRO D 117 26.91 39.87 10.19
C PRO D 117 28.33 40.37 10.07
N ALA D 118 29.11 39.72 9.23
CA ALA D 118 30.48 40.12 9.01
C ALA D 118 31.12 39.29 7.90
N VAL D 119 32.16 39.82 7.29
CA VAL D 119 32.88 39.13 6.24
C VAL D 119 34.37 39.08 6.58
N TYR D 120 34.88 37.89 6.84
CA TYR D 120 36.29 37.75 7.17
C TYR D 120 37.06 37.16 6.00
N GLN D 121 38.38 37.30 6.02
CA GLN D 121 39.19 36.72 4.96
C GLN D 121 40.20 35.80 5.61
N LEU D 122 40.35 34.60 5.04
CA LEU D 122 41.26 33.59 5.57
C LEU D 122 42.13 32.96 4.48
N ARG D 123 43.44 32.89 4.72
CA ARG D 123 44.37 32.30 3.76
C ARG D 123 44.82 30.91 4.19
N ASP D 124 45.44 30.19 3.26
CA ASP D 124 45.90 28.82 3.51
C ASP D 124 47.31 28.58 3.00
N SER D 125 48.01 27.59 3.57
CA SER D 125 49.38 27.24 3.16
C SER D 125 49.55 27.40 1.65
N LYS D 126 49.96 28.62 1.28
CA LYS D 126 50.18 29.08 -0.08
C LYS D 126 50.24 28.15 -1.31
N SER D 127 50.56 26.87 -1.11
CA SER D 127 50.62 25.95 -2.25
C SER D 127 49.25 25.81 -2.92
N SER D 128 48.29 26.64 -2.49
CA SER D 128 46.94 26.67 -3.03
C SER D 128 46.73 28.02 -3.71
N ASP D 129 46.23 28.01 -4.94
CA ASP D 129 46.01 29.24 -5.68
C ASP D 129 44.60 29.81 -5.53
N LYS D 130 44.26 30.26 -4.32
CA LYS D 130 42.93 30.83 -4.05
C LYS D 130 42.78 31.44 -2.66
N SER D 131 41.91 32.44 -2.55
CA SER D 131 41.65 33.11 -1.29
C SER D 131 40.14 32.98 -1.06
N VAL D 132 39.70 33.01 0.19
CA VAL D 132 38.27 32.86 0.50
C VAL D 132 37.70 33.85 1.51
N CYS D 133 36.57 34.47 1.16
CA CYS D 133 35.89 35.41 2.04
C CYS D 133 34.79 34.59 2.74
N LEU D 134 34.86 34.48 4.06
CA LEU D 134 33.85 33.75 4.80
C LEU D 134 32.81 34.71 5.36
N PHE D 135 31.65 34.73 4.71
CA PHE D 135 30.51 35.57 5.07
C PHE D 135 29.79 34.74 6.20
N THR D 136 29.80 35.24 7.43
CA THR D 136 29.16 34.52 8.53
C THR D 136 28.31 35.39 9.41
N ASP D 137 27.52 34.71 10.21
CA ASP D 137 26.61 35.35 11.14
C ASP D 137 25.58 36.29 10.49
N PHE D 138 24.78 35.76 9.57
CA PHE D 138 23.74 36.56 8.93
C PHE D 138 22.46 36.33 9.69
N ASP D 139 21.46 37.13 9.35
CA ASP D 139 20.15 37.01 9.94
C ASP D 139 19.46 35.86 9.20
N SER D 140 18.75 35.02 9.94
CA SER D 140 18.04 33.89 9.34
C SER D 140 17.33 34.28 8.05
N GLN D 141 16.98 35.56 7.91
CA GLN D 141 16.26 36.09 6.75
C GLN D 141 17.14 36.73 5.68
N THR D 142 18.38 36.28 5.53
CA THR D 142 19.24 36.85 4.51
C THR D 142 19.38 35.74 3.48
N ASN D 143 19.60 36.10 2.21
CA ASN D 143 19.75 35.11 1.15
C ASN D 143 21.00 35.38 0.33
N VAL D 144 21.79 34.34 0.13
CA VAL D 144 23.03 34.49 -0.62
C VAL D 144 22.81 34.33 -2.10
N SER D 145 22.76 35.46 -2.80
CA SER D 145 22.55 35.45 -4.25
C SER D 145 23.62 34.64 -4.99
N GLN D 146 23.46 34.55 -6.31
CA GLN D 146 24.39 33.81 -7.16
C GLN D 146 25.66 34.59 -7.46
N SER D 147 26.51 33.99 -8.29
CA SER D 147 27.77 34.62 -8.70
C SER D 147 27.61 35.16 -10.12
N LYS D 148 27.99 36.40 -10.32
CA LYS D 148 27.88 37.00 -11.64
C LYS D 148 29.11 36.63 -12.50
N ASP D 149 30.29 36.84 -11.93
CA ASP D 149 31.53 36.55 -12.64
C ASP D 149 31.99 35.11 -12.47
N SER D 150 31.72 34.31 -13.51
CA SER D 150 32.05 32.89 -13.55
C SER D 150 33.42 32.49 -13.02
N ASP D 151 34.45 33.24 -13.40
CA ASP D 151 35.81 32.95 -12.94
C ASP D 151 35.86 33.25 -11.44
N VAL D 152 34.68 33.27 -10.81
CA VAL D 152 34.50 33.52 -9.37
C VAL D 152 33.39 32.57 -8.89
N TYR D 153 33.60 31.92 -7.75
CA TYR D 153 32.64 30.94 -7.25
C TYR D 153 31.81 31.35 -6.02
N ILE D 154 30.75 30.58 -5.80
CA ILE D 154 29.81 30.81 -4.70
C ILE D 154 29.47 29.55 -3.93
N THR D 155 28.75 29.76 -2.83
CA THR D 155 28.32 28.67 -1.97
C THR D 155 26.99 29.09 -1.36
N ASP D 156 26.09 28.14 -1.21
CA ASP D 156 24.81 28.44 -0.62
C ASP D 156 24.87 28.21 0.88
N LYS D 157 24.33 29.18 1.61
CA LYS D 157 24.27 29.17 3.08
C LYS D 157 24.11 27.80 3.71
N THR D 158 24.67 27.64 4.92
CA THR D 158 24.57 26.38 5.65
C THR D 158 24.62 26.72 7.14
N VAL D 159 23.75 26.08 7.91
CA VAL D 159 23.70 26.31 9.34
C VAL D 159 24.69 25.41 10.07
N LEU D 160 25.50 26.00 10.93
CA LEU D 160 26.48 25.29 11.73
C LEU D 160 26.04 25.35 13.18
N ASP D 161 26.12 24.22 13.88
CA ASP D 161 25.71 24.21 15.28
C ASP D 161 26.77 23.76 16.29
N MET D 162 26.83 24.48 17.40
CA MET D 162 27.77 24.19 18.47
C MET D 162 27.01 23.69 19.69
N ARG D 163 27.15 22.40 19.98
CA ARG D 163 26.45 21.78 21.09
C ARG D 163 26.73 22.33 22.50
N SER D 164 27.99 22.44 22.89
CA SER D 164 28.32 22.92 24.23
C SER D 164 28.13 24.41 24.46
N MET D 165 28.14 25.19 23.39
CA MET D 165 28.00 26.64 23.51
C MET D 165 26.58 27.16 23.22
N ASP D 166 25.72 26.30 22.68
CA ASP D 166 24.35 26.68 22.35
C ASP D 166 24.33 27.84 21.38
N PHE D 167 25.27 27.81 20.45
CA PHE D 167 25.39 28.85 19.44
C PHE D 167 25.48 28.23 18.07
N LYS D 168 24.63 28.71 17.16
CA LYS D 168 24.65 28.25 15.78
C LYS D 168 25.00 29.50 15.01
N SER D 169 25.05 29.37 13.69
CA SER D 169 25.39 30.53 12.89
C SER D 169 25.25 30.19 11.43
N ASN D 170 24.80 31.16 10.65
CA ASN D 170 24.63 30.94 9.23
C ASN D 170 25.92 31.36 8.56
N SER D 171 26.21 30.76 7.42
CA SER D 171 27.43 31.10 6.72
C SER D 171 27.39 30.68 5.26
N ALA D 172 28.36 31.20 4.51
CA ALA D 172 28.48 30.92 3.09
C ALA D 172 29.89 31.37 2.71
N VAL D 173 30.43 30.79 1.66
CA VAL D 173 31.78 31.15 1.29
C VAL D 173 31.87 31.59 -0.16
N ALA D 174 32.90 32.38 -0.44
CA ALA D 174 33.15 32.86 -1.78
C ALA D 174 34.64 32.68 -2.02
N TRP D 175 35.01 32.31 -3.24
CA TRP D 175 36.41 32.09 -3.56
C TRP D 175 36.67 32.05 -5.06
N SER D 176 37.91 32.34 -5.43
CA SER D 176 38.31 32.32 -6.84
C SER D 176 39.79 32.63 -7.13
N ASN D 177 40.16 32.55 -8.40
CA ASN D 177 41.54 32.72 -8.86
C ASN D 177 41.90 33.91 -9.77
N LYS D 178 42.10 35.09 -9.18
CA LYS D 178 42.52 36.27 -9.95
C LYS D 178 42.82 37.55 -9.17
N SER D 179 43.84 38.26 -9.65
CA SER D 179 44.34 39.50 -9.06
C SER D 179 43.33 40.53 -8.55
N ASP D 180 42.04 40.34 -8.82
CA ASP D 180 41.03 41.29 -8.36
C ASP D 180 39.91 40.59 -7.59
N PHE D 181 40.00 40.58 -6.26
CA PHE D 181 38.98 39.96 -5.42
C PHE D 181 38.58 40.70 -4.15
N ALA D 182 37.40 41.29 -4.19
CA ALA D 182 36.87 42.06 -3.07
C ALA D 182 35.71 41.33 -2.39
N CYS D 183 35.73 41.35 -1.05
CA CYS D 183 34.69 40.70 -0.27
C CYS D 183 33.40 41.56 -0.33
N ALA D 184 33.56 42.85 -0.61
CA ALA D 184 32.41 43.73 -0.75
C ALA D 184 31.74 43.23 -2.03
N ASN D 185 32.58 42.95 -3.03
CA ASN D 185 32.16 42.43 -4.33
C ASN D 185 31.56 41.05 -4.15
N ALA D 186 32.25 40.22 -3.37
CA ALA D 186 31.80 38.87 -3.09
C ALA D 186 30.28 38.87 -2.97
N PHE D 187 29.78 39.57 -1.96
CA PHE D 187 28.34 39.61 -1.75
C PHE D 187 27.69 40.91 -2.21
N ASN D 188 28.19 41.44 -3.32
CA ASN D 188 27.66 42.65 -3.91
C ASN D 188 26.37 42.29 -4.63
N ASN D 189 25.92 41.04 -4.48
CA ASN D 189 24.70 40.58 -5.14
C ASN D 189 23.53 40.32 -4.19
N SER D 190 23.66 40.68 -2.91
CA SER D 190 22.56 40.39 -1.99
C SER D 190 22.30 41.28 -0.79
N ILE D 191 21.23 40.93 -0.07
CA ILE D 191 20.77 41.62 1.12
C ILE D 191 21.74 41.54 2.28
N ILE D 192 22.99 41.89 2.03
CA ILE D 192 24.00 41.88 3.08
C ILE D 192 23.52 42.84 4.18
N PRO D 193 23.36 42.36 5.42
CA PRO D 193 22.92 43.31 6.42
C PRO D 193 23.95 44.44 6.43
N GLU D 194 23.48 45.66 6.61
CA GLU D 194 24.36 46.82 6.60
C GLU D 194 25.58 46.64 7.51
N ASP D 195 25.32 46.23 8.76
CA ASP D 195 26.33 46.04 9.79
C ASP D 195 27.58 45.21 9.50
N THR D 196 27.87 44.96 8.23
CA THR D 196 29.03 44.17 7.84
C THR D 196 30.37 44.66 8.35
N PHE D 197 30.97 43.86 9.23
CA PHE D 197 32.28 44.16 9.80
C PHE D 197 33.28 43.75 8.71
N PHE D 198 33.76 44.72 7.93
CA PHE D 198 34.69 44.42 6.83
C PHE D 198 36.16 44.70 7.11
N PRO D 199 36.74 44.08 8.15
CA PRO D 199 38.15 44.36 8.42
C PRO D 199 39.16 43.78 7.41
N SER D 200 40.30 44.46 7.29
CA SER D 200 41.39 44.03 6.40
C SER D 200 42.69 44.64 6.96
N GLY E 1 18.32 -4.94 7.74
CA GLY E 1 17.31 -4.32 6.82
C GLY E 1 17.66 -4.50 5.34
N VAL E 2 17.56 -3.42 4.57
CA VAL E 2 17.88 -3.46 3.14
C VAL E 2 19.29 -2.96 2.97
N THR E 3 20.12 -3.77 2.32
CA THR E 3 21.50 -3.39 2.07
C THR E 3 21.77 -3.41 0.57
N GLN E 4 22.67 -2.55 0.12
CA GLN E 4 22.99 -2.52 -1.29
C GLN E 4 24.37 -1.94 -1.54
N THR E 5 25.06 -2.48 -2.54
CA THR E 5 26.39 -2.05 -2.91
C THR E 5 26.51 -2.00 -4.43
N PRO E 6 27.45 -1.23 -4.96
CA PRO E 6 28.43 -0.39 -4.27
C PRO E 6 27.78 0.90 -3.78
N LYS E 7 28.55 1.79 -3.14
CA LYS E 7 27.98 3.04 -2.65
C LYS E 7 27.99 4.03 -3.79
N PHE E 8 29.17 4.23 -4.36
CA PHE E 8 29.39 5.13 -5.49
C PHE E 8 30.04 4.30 -6.62
N GLN E 9 29.75 4.68 -7.86
CA GLN E 9 30.32 4.03 -9.05
C GLN E 9 30.35 5.02 -10.22
N VAL E 10 31.51 5.08 -10.87
CA VAL E 10 31.75 5.95 -12.02
C VAL E 10 31.82 5.01 -13.22
N LEU E 11 31.33 5.45 -14.37
CA LEU E 11 31.38 4.57 -15.53
C LEU E 11 31.50 5.24 -16.89
N LYS E 12 31.79 4.39 -17.86
CA LYS E 12 31.98 4.76 -19.27
C LYS E 12 30.88 4.14 -20.15
N THR E 13 30.31 4.95 -21.03
CA THR E 13 29.26 4.51 -21.92
C THR E 13 29.63 3.14 -22.46
N GLY E 14 28.72 2.19 -22.33
CA GLY E 14 28.95 0.85 -22.83
C GLY E 14 29.42 -0.19 -21.83
N GLN E 15 29.78 0.26 -20.63
CA GLN E 15 30.27 -0.65 -19.61
C GLN E 15 29.11 -1.35 -18.91
N SER E 16 29.37 -2.56 -18.44
CA SER E 16 28.36 -3.34 -17.75
C SER E 16 28.59 -3.35 -16.27
N MET E 17 27.51 -3.30 -15.50
CA MET E 17 27.55 -3.27 -14.04
C MET E 17 26.28 -3.85 -13.43
N THR E 18 26.39 -4.36 -12.22
CA THR E 18 25.23 -4.91 -11.51
C THR E 18 25.14 -4.36 -10.08
N LEU E 19 24.06 -3.62 -9.79
CA LEU E 19 23.82 -3.07 -8.48
C LEU E 19 23.23 -4.18 -7.61
N GLN E 20 23.85 -4.40 -6.46
CA GLN E 20 23.40 -5.47 -5.58
C GLN E 20 22.37 -5.02 -4.57
N CYS E 21 21.46 -5.92 -4.19
CA CYS E 21 20.46 -5.59 -3.17
C CYS E 21 20.05 -6.80 -2.40
N ALA E 22 19.89 -6.61 -1.09
CA ALA E 22 19.50 -7.70 -0.23
C ALA E 22 18.60 -7.22 0.88
N GLN E 23 17.78 -8.14 1.39
CA GLN E 23 16.87 -7.81 2.47
C GLN E 23 16.85 -9.00 3.40
N ASP E 24 16.93 -8.74 4.70
CA ASP E 24 16.92 -9.81 5.69
C ASP E 24 15.62 -9.83 6.47
N MET E 25 14.51 -9.59 5.78
CA MET E 25 13.22 -9.56 6.45
C MET E 25 12.20 -10.56 5.94
N ASN E 26 12.60 -11.48 5.07
CA ASN E 26 11.66 -12.46 4.53
C ASN E 26 10.50 -11.78 3.77
N HIS E 27 10.87 -10.74 3.03
CA HIS E 27 9.95 -9.97 2.22
C HIS E 27 9.90 -10.67 0.89
N GLU E 28 8.78 -10.49 0.20
CA GLU E 28 8.57 -11.09 -1.09
C GLU E 28 8.61 -10.05 -2.22
N TYR E 29 8.27 -8.82 -1.86
CA TYR E 29 8.15 -7.73 -2.83
C TYR E 29 9.26 -6.70 -2.88
N MET E 30 10.30 -7.00 -3.64
CA MET E 30 11.43 -6.09 -3.81
C MET E 30 11.28 -5.23 -5.06
N SER E 31 11.89 -4.05 -5.04
CA SER E 31 11.81 -3.11 -6.15
C SER E 31 13.10 -2.31 -6.33
N TRP E 32 13.19 -1.60 -7.44
CA TRP E 32 14.34 -0.77 -7.76
C TRP E 32 13.80 0.52 -8.35
N TYR E 33 14.32 1.64 -7.87
CA TYR E 33 13.92 2.96 -8.35
C TYR E 33 15.19 3.76 -8.65
N ARG E 34 15.02 4.88 -9.35
CA ARG E 34 16.14 5.77 -9.65
C ARG E 34 15.60 7.17 -9.40
N GLN E 35 16.35 7.99 -8.67
CA GLN E 35 15.87 9.34 -8.34
C GLN E 35 16.59 10.44 -9.08
N ASP E 36 15.82 11.28 -9.75
CA ASP E 36 16.40 12.39 -10.49
C ASP E 36 15.71 13.68 -10.09
N PRO E 37 16.46 14.79 -10.05
CA PRO E 37 15.93 16.10 -9.65
C PRO E 37 14.58 16.48 -10.23
N GLY E 38 14.40 16.24 -11.53
CA GLY E 38 13.16 16.61 -12.19
C GLY E 38 11.97 15.68 -12.04
N MET E 39 12.19 14.42 -11.65
CA MET E 39 11.08 13.48 -11.54
C MET E 39 10.86 12.81 -10.18
N GLY E 40 11.83 12.93 -9.28
CA GLY E 40 11.67 12.30 -8.00
C GLY E 40 11.86 10.81 -8.22
N LEU E 41 11.23 9.98 -7.39
CA LEU E 41 11.39 8.54 -7.54
C LEU E 41 10.62 7.99 -8.74
N ARG E 42 11.22 7.04 -9.45
CA ARG E 42 10.61 6.40 -10.62
C ARG E 42 11.01 4.92 -10.64
N LEU E 43 10.01 4.04 -10.66
CA LEU E 43 10.25 2.60 -10.67
C LEU E 43 10.86 2.13 -11.99
N ILE E 44 11.79 1.20 -11.89
CA ILE E 44 12.46 0.66 -13.07
C ILE E 44 11.94 -0.77 -13.27
N HIS E 45 12.17 -1.62 -12.27
CA HIS E 45 11.69 -2.99 -12.32
C HIS E 45 11.17 -3.35 -10.94
N TYR E 46 10.52 -4.49 -10.83
CA TYR E 46 9.99 -4.92 -9.53
C TYR E 46 9.53 -6.37 -9.51
N SER E 47 9.74 -7.01 -8.37
CA SER E 47 9.39 -8.41 -8.19
C SER E 47 8.58 -8.65 -6.93
N VAL E 48 7.54 -9.49 -7.02
CA VAL E 48 6.70 -9.79 -5.86
C VAL E 48 7.11 -11.07 -5.15
N GLY E 49 7.92 -11.87 -5.84
CA GLY E 49 8.38 -13.13 -5.27
C GLY E 49 9.59 -13.68 -6.01
N ALA E 50 10.00 -14.90 -5.69
CA ALA E 50 11.14 -15.53 -6.33
C ALA E 50 10.74 -15.96 -7.75
N GLY E 51 11.65 -15.74 -8.70
CA GLY E 51 11.41 -16.12 -10.08
C GLY E 51 10.41 -15.26 -10.80
N ILE E 52 9.91 -14.24 -10.11
CA ILE E 52 8.94 -13.32 -10.65
C ILE E 52 9.61 -11.97 -10.85
N THR E 53 9.44 -11.41 -12.04
CA THR E 53 10.05 -10.12 -12.34
C THR E 53 9.19 -9.40 -13.37
N ASP E 54 9.12 -8.07 -13.27
CA ASP E 54 8.30 -7.30 -14.20
C ASP E 54 8.68 -5.83 -14.37
N GLN E 55 8.45 -5.35 -15.59
CA GLN E 55 8.71 -3.99 -16.02
C GLN E 55 8.08 -2.91 -15.16
N GLY E 56 8.70 -1.74 -15.18
CA GLY E 56 8.19 -0.62 -14.43
C GLY E 56 7.91 0.61 -15.28
N GLU E 57 8.09 1.78 -14.70
CA GLU E 57 7.84 3.04 -15.41
C GLU E 57 8.98 3.39 -16.38
N VAL E 58 10.13 2.76 -16.17
CA VAL E 58 11.30 3.01 -17.00
C VAL E 58 12.23 1.80 -17.11
N PRO E 59 11.72 0.64 -17.57
CA PRO E 59 12.54 -0.57 -17.71
C PRO E 59 13.59 -0.58 -18.88
N ASN E 60 13.65 0.47 -19.69
CA ASN E 60 14.61 0.53 -20.81
C ASN E 60 16.02 0.92 -20.34
N GLY E 61 16.91 -0.07 -20.35
CA GLY E 61 18.29 0.15 -19.95
C GLY E 61 18.69 -0.73 -18.76
N TYR E 62 17.71 -1.46 -18.26
CA TYR E 62 17.92 -2.30 -17.10
C TYR E 62 17.33 -3.69 -17.24
N ASN E 63 18.03 -4.67 -16.69
CA ASN E 63 17.58 -6.05 -16.68
C ASN E 63 17.50 -6.32 -15.16
N VAL E 64 16.96 -7.47 -14.77
CA VAL E 64 16.82 -7.76 -13.35
C VAL E 64 16.45 -9.23 -13.14
N SER E 65 16.97 -9.82 -12.07
CA SER E 65 16.72 -11.23 -11.75
C SER E 65 16.20 -11.40 -10.33
N ARG E 66 15.72 -12.59 -10.02
CA ARG E 66 15.20 -12.86 -8.70
C ARG E 66 15.21 -14.36 -8.41
N SER E 67 16.41 -14.94 -8.42
CA SER E 67 16.55 -16.36 -8.14
C SER E 67 16.21 -16.65 -6.69
N THR E 68 16.71 -15.82 -5.79
CA THR E 68 16.40 -16.02 -4.39
C THR E 68 15.46 -14.94 -3.93
N THR E 69 14.88 -15.14 -2.75
CA THR E 69 13.94 -14.19 -2.21
C THR E 69 14.63 -13.08 -1.43
N GLU E 70 15.92 -13.27 -1.18
CA GLU E 70 16.68 -12.27 -0.42
C GLU E 70 17.48 -11.29 -1.26
N ASP E 71 17.80 -11.66 -2.51
CA ASP E 71 18.57 -10.77 -3.38
C ASP E 71 17.79 -10.39 -4.62
N PHE E 72 18.04 -9.18 -5.10
CA PHE E 72 17.38 -8.62 -6.28
C PHE E 72 18.36 -7.66 -7.01
N PRO E 73 19.31 -8.23 -7.76
CA PRO E 73 20.38 -7.62 -8.55
C PRO E 73 19.95 -6.86 -9.81
N LEU E 74 20.18 -5.54 -9.84
CA LEU E 74 19.83 -4.73 -11.01
C LEU E 74 21.02 -4.75 -11.95
N ARG E 75 20.78 -4.97 -13.25
CA ARG E 75 21.87 -5.04 -14.23
C ARG E 75 21.83 -4.07 -15.42
N LEU E 76 22.95 -3.37 -15.62
CA LEU E 76 23.08 -2.45 -16.73
C LEU E 76 23.98 -3.17 -17.72
N LEU E 77 23.47 -3.53 -18.90
CA LEU E 77 24.31 -4.24 -19.84
C LEU E 77 25.39 -3.30 -20.36
N SER E 78 25.00 -2.33 -21.19
CA SER E 78 25.92 -1.33 -21.73
C SER E 78 25.47 0.05 -21.26
N ALA E 79 26.20 0.54 -20.26
CA ALA E 79 25.98 1.84 -19.62
C ALA E 79 25.69 2.92 -20.64
N ALA E 80 24.99 3.95 -20.18
CA ALA E 80 24.61 5.09 -20.99
C ALA E 80 24.60 6.36 -20.13
N PRO E 81 24.97 7.50 -20.72
CA PRO E 81 25.01 8.79 -20.03
C PRO E 81 23.71 9.18 -19.32
N SER E 82 22.59 8.62 -19.75
CA SER E 82 21.29 8.94 -19.11
C SER E 82 21.05 8.08 -17.85
N GLN E 83 21.83 7.00 -17.70
CA GLN E 83 21.71 6.09 -16.55
C GLN E 83 22.29 6.76 -15.29
N THR E 84 22.87 7.94 -15.50
CA THR E 84 23.46 8.71 -14.42
C THR E 84 22.35 9.21 -13.49
N SER E 85 22.31 8.63 -12.29
CA SER E 85 21.32 8.98 -11.27
C SER E 85 21.66 8.28 -9.95
N VAL E 86 20.72 8.29 -9.03
CA VAL E 86 20.89 7.64 -7.74
C VAL E 86 19.91 6.48 -7.73
N TYR E 87 20.41 5.30 -7.40
CA TYR E 87 19.58 4.11 -7.35
C TYR E 87 19.30 3.59 -5.95
N PHE E 88 18.00 3.45 -5.68
CA PHE E 88 17.50 2.96 -4.41
C PHE E 88 16.75 1.64 -4.60
N CYS E 89 17.15 0.66 -3.82
CA CYS E 89 16.51 -0.64 -3.87
C CYS E 89 15.59 -0.69 -2.63
N ALA E 90 14.36 -1.13 -2.80
CA ALA E 90 13.43 -1.21 -1.69
C ALA E 90 12.77 -2.57 -1.62
N SER E 91 12.22 -2.88 -0.46
CA SER E 91 11.55 -4.16 -0.32
C SER E 91 10.32 -4.03 0.52
N ARG E 92 9.41 -4.97 0.28
CA ARG E 92 8.15 -5.02 0.93
C ARG E 92 7.77 -6.44 1.26
N PRO E 93 7.00 -6.64 2.35
CA PRO E 93 6.64 -8.02 2.61
C PRO E 93 5.91 -8.71 1.43
N GLY E 94 4.80 -8.13 0.99
CA GLY E 94 4.02 -8.72 -0.08
C GLY E 94 2.93 -9.59 0.52
N LEU E 95 2.92 -10.86 0.16
CA LEU E 95 1.92 -11.77 0.69
C LEU E 95 2.44 -12.44 1.98
N ALA E 96 3.65 -12.09 2.39
CA ALA E 96 4.30 -12.62 3.60
C ALA E 96 3.68 -12.19 4.93
N GLY E 97 2.98 -11.07 4.92
CA GLY E 97 2.36 -10.57 6.14
C GLY E 97 3.26 -9.68 6.96
N GLY E 98 2.66 -8.84 7.79
CA GLY E 98 3.41 -7.92 8.64
C GLY E 98 3.06 -6.49 8.26
N ARG E 99 3.85 -5.54 8.76
CA ARG E 99 3.63 -4.13 8.46
C ARG E 99 3.67 -3.87 6.96
N PRO E 100 2.57 -3.36 6.38
CA PRO E 100 2.56 -3.08 4.95
C PRO E 100 3.53 -1.96 4.55
N GLU E 101 4.56 -1.76 5.38
CA GLU E 101 5.58 -0.74 5.19
C GLU E 101 6.71 -1.12 4.25
N GLN E 102 7.10 -0.17 3.39
CA GLN E 102 8.18 -0.38 2.43
C GLN E 102 9.41 0.33 2.93
N TYR E 103 10.53 -0.38 2.88
CA TYR E 103 11.80 0.15 3.33
C TYR E 103 12.82 0.27 2.22
N PHE E 104 13.44 1.44 2.19
CA PHE E 104 14.47 1.74 1.21
C PHE E 104 15.88 1.41 1.66
N GLY E 105 16.70 1.11 0.67
CA GLY E 105 18.09 0.79 0.88
C GLY E 105 18.85 2.08 0.76
N PRO E 106 20.08 2.13 1.29
CA PRO E 106 20.95 3.31 1.26
C PRO E 106 21.21 3.97 -0.08
N GLY E 107 21.02 3.21 -1.15
CA GLY E 107 21.19 3.77 -2.48
C GLY E 107 22.61 3.78 -2.97
N THR E 108 22.76 3.89 -4.27
CA THR E 108 24.07 3.92 -4.91
C THR E 108 24.05 5.09 -5.91
N ARG E 109 25.17 5.78 -6.05
CA ARG E 109 25.26 6.92 -6.95
C ARG E 109 26.07 6.51 -8.14
N LEU E 110 25.62 6.88 -9.32
CA LEU E 110 26.34 6.50 -10.52
C LEU E 110 26.46 7.61 -11.56
N THR E 111 27.69 7.91 -11.97
CA THR E 111 27.93 8.93 -12.98
C THR E 111 28.61 8.27 -14.19
N VAL E 112 27.94 8.32 -15.34
CA VAL E 112 28.47 7.72 -16.58
C VAL E 112 29.08 8.82 -17.41
N THR E 113 30.06 8.46 -18.23
CA THR E 113 30.70 9.44 -19.10
C THR E 113 31.30 8.80 -20.33
N GLU E 114 31.08 9.46 -21.47
CA GLU E 114 31.59 8.99 -22.75
C GLU E 114 33.10 8.75 -22.66
N ASP E 115 33.87 9.68 -22.10
CA ASP E 115 35.30 9.37 -21.95
C ASP E 115 35.78 9.41 -20.51
N LEU E 116 36.13 8.21 -20.06
CA LEU E 116 36.62 7.89 -18.73
C LEU E 116 37.98 8.54 -18.48
N LYS E 117 37.98 9.87 -18.42
CA LYS E 117 39.20 10.63 -18.17
C LYS E 117 38.88 11.62 -17.08
N ASN E 118 37.75 12.30 -17.27
CA ASN E 118 37.28 13.30 -16.31
C ASN E 118 36.99 12.71 -14.95
N VAL E 119 37.80 11.75 -14.52
CA VAL E 119 37.64 11.12 -13.22
C VAL E 119 38.51 11.87 -12.20
N PHE E 120 38.66 13.17 -12.44
CA PHE E 120 39.39 14.13 -11.60
C PHE E 120 39.33 13.93 -10.06
N PRO E 121 40.44 13.55 -9.40
CA PRO E 121 40.16 13.45 -7.96
C PRO E 121 40.23 14.87 -7.35
N PRO E 122 39.82 15.04 -6.08
CA PRO E 122 39.86 16.36 -5.47
C PRO E 122 41.19 16.91 -4.96
N GLU E 123 41.23 18.23 -4.81
CA GLU E 123 42.38 18.96 -4.30
C GLU E 123 41.91 19.70 -3.05
N VAL E 124 42.11 19.10 -1.88
CA VAL E 124 41.68 19.70 -0.63
C VAL E 124 42.61 20.79 -0.11
N ALA E 125 42.04 21.77 0.57
CA ALA E 125 42.79 22.90 1.14
C ALA E 125 42.05 23.51 2.32
N VAL E 126 42.72 23.60 3.45
CA VAL E 126 42.15 24.18 4.67
C VAL E 126 42.54 25.64 4.82
N PHE E 127 41.63 26.48 5.26
CA PHE E 127 41.93 27.90 5.48
C PHE E 127 41.68 28.27 6.94
N GLU E 128 42.72 28.83 7.56
CA GLU E 128 42.71 29.18 8.97
C GLU E 128 41.79 30.32 9.34
N PRO E 129 41.21 30.26 10.56
CA PRO E 129 40.30 31.30 11.05
C PRO E 129 40.94 32.67 10.93
N SER E 130 40.12 33.71 10.94
CA SER E 130 40.61 35.09 10.80
C SER E 130 40.80 35.79 12.13
N GLU E 131 41.82 36.64 12.17
CA GLU E 131 42.15 37.40 13.37
C GLU E 131 40.98 38.26 13.79
N ALA E 132 40.09 38.53 12.83
CA ALA E 132 38.91 39.33 13.09
C ALA E 132 37.87 38.51 13.86
N GLU E 133 37.52 37.34 13.35
CA GLU E 133 36.53 36.47 14.01
C GLU E 133 37.07 35.91 15.32
N ILE E 134 38.35 35.57 15.35
CA ILE E 134 38.93 35.01 16.56
C ILE E 134 38.90 36.08 17.64
N SER E 135 39.11 37.32 17.24
CA SER E 135 39.12 38.45 18.17
C SER E 135 37.70 38.91 18.50
N HIS E 136 36.77 38.65 17.59
CA HIS E 136 35.39 39.08 17.77
C HIS E 136 34.56 38.07 18.55
N THR E 137 33.94 37.18 17.79
CA THR E 137 33.07 36.15 18.32
C THR E 137 33.82 35.23 19.28
N GLN E 138 35.13 35.45 19.40
CA GLN E 138 35.98 34.64 20.26
C GLN E 138 35.89 33.19 19.79
N LYS E 139 35.56 33.02 18.51
CA LYS E 139 35.42 31.71 17.89
C LYS E 139 36.25 31.63 16.59
N ALA E 140 36.65 30.43 16.22
CA ALA E 140 37.46 30.18 15.02
C ALA E 140 36.82 29.23 14.01
N THR E 141 36.54 29.74 12.81
CA THR E 141 35.93 28.95 11.74
C THR E 141 37.02 28.61 10.74
N LEU E 142 37.11 27.33 10.39
CA LEU E 142 38.09 26.87 9.40
C LEU E 142 37.30 26.39 8.20
N VAL E 143 37.58 26.96 7.03
CA VAL E 143 36.88 26.57 5.82
C VAL E 143 37.75 25.67 5.00
N CYS E 144 37.27 24.46 4.74
CA CYS E 144 38.01 23.51 3.92
C CYS E 144 37.52 23.71 2.48
N LEU E 145 38.15 23.04 1.53
CA LEU E 145 37.76 23.22 0.16
C LEU E 145 38.26 22.12 -0.79
N ALA E 146 37.36 21.27 -1.25
CA ALA E 146 37.71 20.20 -2.19
C ALA E 146 37.35 20.73 -3.57
N THR E 147 38.31 20.70 -4.51
CA THR E 147 38.05 21.22 -5.86
C THR E 147 38.60 20.46 -7.04
N GLY E 148 37.96 20.69 -8.18
CA GLY E 148 38.36 20.06 -9.43
C GLY E 148 38.02 18.60 -9.54
N PHE E 149 37.26 18.06 -8.58
CA PHE E 149 36.91 16.65 -8.61
C PHE E 149 35.66 16.31 -9.41
N TYR E 150 35.67 15.11 -9.98
CA TYR E 150 34.58 14.58 -10.78
C TYR E 150 34.79 13.08 -10.87
N PRO E 151 33.71 12.30 -10.71
CA PRO E 151 32.36 12.80 -10.45
C PRO E 151 32.16 13.38 -9.05
N ASP E 152 30.98 13.91 -8.81
CA ASP E 152 30.61 14.49 -7.51
C ASP E 152 30.42 13.38 -6.47
N HIS E 153 31.37 12.46 -6.41
CA HIS E 153 31.32 11.34 -5.48
C HIS E 153 32.30 11.49 -4.34
N VAL E 154 31.99 12.32 -3.36
CA VAL E 154 32.91 12.50 -2.26
C VAL E 154 32.28 12.51 -0.87
N GLU E 155 33.08 12.12 0.11
CA GLU E 155 32.65 12.10 1.49
C GLU E 155 33.74 12.89 2.22
N LEU E 156 33.40 14.09 2.68
CA LEU E 156 34.35 14.94 3.38
C LEU E 156 34.09 14.98 4.90
N SER E 157 35.15 14.96 5.69
CA SER E 157 35.00 15.00 7.14
C SER E 157 36.11 15.78 7.85
N TRP E 158 35.88 16.13 9.11
CA TRP E 158 36.85 16.86 9.91
C TRP E 158 37.42 15.98 11.01
N TRP E 159 38.75 15.93 11.08
CA TRP E 159 39.44 15.13 12.08
C TRP E 159 40.38 15.96 12.95
N VAL E 160 40.05 16.11 14.22
CA VAL E 160 40.91 16.86 15.14
C VAL E 160 41.57 15.89 16.12
N ASN E 161 42.89 15.96 16.20
CA ASN E 161 43.71 15.14 17.08
C ASN E 161 43.44 13.64 16.97
N GLY E 162 43.17 13.18 15.76
CA GLY E 162 42.94 11.75 15.55
C GLY E 162 41.54 11.23 15.82
N LYS E 163 40.55 12.12 15.76
CA LYS E 163 39.18 11.71 15.97
C LYS E 163 38.37 12.52 14.97
N GLU E 164 37.14 12.12 14.71
CA GLU E 164 36.34 12.90 13.78
C GLU E 164 35.38 13.70 14.59
N VAL E 165 35.11 14.91 14.14
CA VAL E 165 34.17 15.76 14.86
C VAL E 165 32.95 16.07 14.01
N HIS E 166 31.79 16.14 14.65
CA HIS E 166 30.55 16.47 13.95
C HIS E 166 29.93 17.67 14.67
N SER E 167 30.42 17.92 15.87
CA SER E 167 29.94 19.03 16.69
C SER E 167 29.84 20.32 15.90
N GLY E 168 30.98 20.91 15.57
CA GLY E 168 30.96 22.16 14.83
C GLY E 168 31.12 22.09 13.32
N VAL E 169 30.92 20.91 12.73
CA VAL E 169 31.08 20.81 11.28
C VAL E 169 29.79 21.16 10.56
N SER E 170 29.95 21.70 9.36
CA SER E 170 28.81 22.07 8.53
C SER E 170 29.25 22.24 7.09
N THR E 171 29.47 21.12 6.42
CA THR E 171 29.86 21.12 5.02
C THR E 171 28.60 21.28 4.17
N ASP E 172 28.76 21.82 2.97
CA ASP E 172 27.64 22.03 2.06
C ASP E 172 26.87 20.75 1.82
N PRO E 173 25.53 20.87 1.69
CA PRO E 173 24.67 19.72 1.46
C PRO E 173 25.12 18.92 0.25
N GLN E 174 24.90 19.49 -0.93
CA GLN E 174 25.26 18.88 -2.22
C GLN E 174 26.17 19.90 -2.92
N PRO E 175 27.30 19.44 -3.48
CA PRO E 175 28.32 20.25 -4.17
C PRO E 175 27.88 21.05 -5.37
N LEU E 176 28.75 21.97 -5.76
CA LEU E 176 28.55 22.87 -6.91
C LEU E 176 29.38 22.36 -8.10
N LYS E 177 29.07 22.90 -9.27
CA LYS E 177 29.79 22.59 -10.51
C LYS E 177 30.58 23.88 -10.77
N GLU E 178 31.89 23.77 -10.81
CA GLU E 178 32.74 24.93 -11.01
C GLU E 178 32.39 25.72 -12.26
N GLN E 179 32.14 25.01 -13.35
CA GLN E 179 31.78 25.65 -14.60
C GLN E 179 30.37 25.19 -14.93
N PRO E 180 29.37 25.93 -14.42
CA PRO E 180 27.94 25.60 -14.65
C PRO E 180 27.55 25.55 -16.12
N ALA E 181 28.54 25.37 -16.98
CA ALA E 181 28.32 25.31 -18.41
C ALA E 181 28.69 23.96 -18.99
N LEU E 182 29.75 23.37 -18.45
CA LEU E 182 30.26 22.10 -18.97
C LEU E 182 29.49 20.80 -18.75
N ASN E 183 29.63 19.91 -19.73
CA ASN E 183 29.01 18.58 -19.77
C ASN E 183 29.70 17.70 -18.74
N ASP E 184 31.03 17.71 -18.77
CA ASP E 184 31.87 16.95 -17.84
C ASP E 184 32.47 17.95 -16.85
N SER E 185 31.62 18.88 -16.42
CA SER E 185 32.00 19.92 -15.47
C SER E 185 32.47 19.34 -14.14
N ARG E 186 33.64 19.75 -13.70
CA ARG E 186 34.19 19.27 -12.43
C ARG E 186 33.43 19.96 -11.29
N TYR E 187 33.57 19.46 -10.09
CA TYR E 187 32.88 20.09 -8.97
C TYR E 187 33.83 20.66 -7.97
N ALA E 188 33.23 21.26 -6.95
CA ALA E 188 33.92 21.88 -5.84
C ALA E 188 32.97 21.77 -4.67
N LEU E 189 33.52 21.50 -3.49
CA LEU E 189 32.72 21.39 -2.28
C LEU E 189 33.37 22.15 -1.14
N SER E 190 32.52 22.68 -0.27
CA SER E 190 32.97 23.47 0.86
C SER E 190 32.53 22.89 2.20
N SER E 191 33.20 23.34 3.27
CA SER E 191 32.91 22.92 4.63
C SER E 191 33.53 23.84 5.68
N ARG E 192 32.85 23.92 6.83
CA ARG E 192 33.29 24.75 7.94
C ARG E 192 33.40 24.00 9.25
N LEU E 193 34.32 24.46 10.07
CA LEU E 193 34.56 23.92 11.40
C LEU E 193 34.80 25.08 12.36
N ARG E 194 33.84 25.31 13.23
CA ARG E 194 33.91 26.39 14.19
C ARG E 194 34.42 25.91 15.55
N VAL E 195 35.24 26.75 16.16
CA VAL E 195 35.87 26.42 17.42
C VAL E 195 36.16 27.66 18.28
N SER E 196 36.34 27.45 19.57
CA SER E 196 36.64 28.51 20.53
C SER E 196 38.13 28.85 20.40
N ALA E 197 38.43 30.14 20.25
CA ALA E 197 39.81 30.60 20.14
C ALA E 197 40.76 29.89 21.12
N THR E 198 40.26 29.62 22.31
CA THR E 198 41.05 28.91 23.30
C THR E 198 41.52 27.54 22.79
N PHE E 199 40.70 26.89 21.96
CA PHE E 199 41.03 25.58 21.41
C PHE E 199 41.92 25.72 20.19
N TRP E 200 41.60 26.69 19.33
CA TRP E 200 42.39 26.92 18.13
C TRP E 200 43.78 27.48 18.42
N GLN E 201 43.84 28.37 19.42
CA GLN E 201 45.11 28.98 19.79
C GLN E 201 46.04 28.05 20.55
N ASN E 202 45.62 26.81 20.77
CA ASN E 202 46.42 25.82 21.49
C ASN E 202 47.33 25.12 20.49
N PRO E 203 48.62 25.49 20.48
CA PRO E 203 49.65 24.93 19.59
C PRO E 203 49.68 23.41 19.37
N ARG E 204 49.26 22.63 20.35
CA ARG E 204 49.35 21.19 20.16
C ARG E 204 48.21 20.40 19.55
N ASN E 205 47.10 21.04 19.20
CA ASN E 205 46.01 20.28 18.56
C ASN E 205 45.96 20.50 17.04
N HIS E 206 45.87 19.38 16.33
CA HIS E 206 45.91 19.33 14.87
C HIS E 206 44.55 19.12 14.22
N PHE E 207 44.28 19.90 13.18
CA PHE E 207 43.02 19.82 12.43
C PHE E 207 43.27 19.22 11.05
N ARG E 208 42.47 18.22 10.67
CA ARG E 208 42.60 17.66 9.35
C ARG E 208 41.25 17.52 8.67
N CYS E 209 41.20 18.03 7.45
CA CYS E 209 40.01 17.97 6.63
C CYS E 209 40.24 16.80 5.69
N GLN E 210 39.42 15.77 5.83
CA GLN E 210 39.52 14.56 5.01
C GLN E 210 38.44 14.49 3.94
N VAL E 211 38.85 14.10 2.75
CA VAL E 211 37.96 13.97 1.61
C VAL E 211 38.14 12.62 0.93
N GLN E 212 37.13 11.76 1.05
CA GLN E 212 37.19 10.46 0.41
C GLN E 212 36.71 10.68 -1.02
N PHE E 213 37.45 10.14 -1.98
CA PHE E 213 37.06 10.29 -3.36
C PHE E 213 36.80 8.90 -3.92
N TYR E 214 35.88 8.81 -4.88
CA TYR E 214 35.55 7.53 -5.49
C TYR E 214 35.77 7.62 -7.01
N GLY E 215 36.84 6.98 -7.48
CA GLY E 215 37.17 7.05 -8.89
C GLY E 215 37.34 5.72 -9.61
N LEU E 216 38.46 5.56 -10.31
CA LEU E 216 38.70 4.35 -11.07
C LEU E 216 39.32 3.23 -10.25
N SER E 217 39.11 1.99 -10.70
CA SER E 217 39.67 0.84 -10.00
C SER E 217 41.17 0.74 -10.24
N GLU E 218 41.85 0.02 -9.36
CA GLU E 218 43.30 -0.17 -9.46
C GLU E 218 43.68 -1.05 -10.65
N ASN E 219 42.66 -1.58 -11.31
CA ASN E 219 42.87 -2.44 -12.46
C ASN E 219 42.25 -1.80 -13.69
N ASP E 220 42.30 -0.47 -13.76
CA ASP E 220 41.77 0.26 -14.88
C ASP E 220 42.86 0.81 -15.77
N GLU E 221 42.80 0.44 -17.05
CA GLU E 221 43.77 0.89 -18.05
C GLU E 221 43.83 2.41 -18.01
N TRP E 222 45.02 2.97 -18.22
CA TRP E 222 45.19 4.42 -18.16
C TRP E 222 46.63 4.79 -18.56
N ALA E 223 46.84 6.05 -19.00
CA ALA E 223 48.17 6.51 -19.39
C ALA E 223 48.26 7.89 -20.06
N GLN E 224 48.30 8.93 -19.23
CA GLN E 224 48.45 10.32 -19.66
C GLN E 224 49.07 10.96 -18.44
N ASP E 225 50.35 11.36 -18.52
CA ASP E 225 51.04 11.98 -17.39
C ASP E 225 50.04 12.39 -16.30
N ARG E 226 49.68 11.43 -15.45
CA ARG E 226 48.70 11.64 -14.38
C ARG E 226 48.26 10.28 -13.80
N ALA E 227 48.15 10.21 -12.48
CA ALA E 227 47.76 8.95 -11.83
C ALA E 227 46.29 8.59 -12.01
N LYS E 228 45.93 7.36 -11.61
CA LYS E 228 44.54 6.92 -11.71
C LYS E 228 43.79 7.52 -10.54
N PRO E 229 42.61 8.10 -10.83
CA PRO E 229 41.76 8.72 -9.83
C PRO E 229 41.24 7.71 -8.84
N VAL E 230 41.96 6.60 -8.72
CA VAL E 230 41.56 5.55 -7.79
C VAL E 230 40.99 6.19 -6.53
N THR E 231 40.09 5.47 -5.86
CA THR E 231 39.49 5.95 -4.63
C THR E 231 40.60 6.38 -3.68
N GLN E 232 40.82 7.69 -3.60
CA GLN E 232 41.85 8.25 -2.75
C GLN E 232 41.22 8.92 -1.53
N ILE E 233 42.08 9.41 -0.63
CA ILE E 233 41.64 10.13 0.55
C ILE E 233 42.53 11.37 0.57
N VAL E 234 42.22 12.33 -0.29
CA VAL E 234 42.99 13.58 -0.39
C VAL E 234 42.68 14.44 0.83
N SER E 235 43.72 14.78 1.60
CA SER E 235 43.55 15.60 2.80
C SER E 235 44.29 16.94 2.79
N ALA E 236 44.00 17.73 3.83
CA ALA E 236 44.58 19.03 4.07
C ALA E 236 44.62 19.12 5.60
N GLU E 237 45.67 19.74 6.14
CA GLU E 237 45.79 19.85 7.59
C GLU E 237 46.20 21.25 8.01
N ALA E 238 46.00 21.57 9.28
CA ALA E 238 46.36 22.89 9.80
C ALA E 238 46.63 22.89 11.29
N TRP E 239 47.49 23.82 11.70
CA TRP E 239 47.84 23.98 13.10
C TRP E 239 47.49 25.37 13.57
N GLY E 240 47.43 25.55 14.88
CA GLY E 240 47.07 26.84 15.43
C GLY E 240 48.13 27.91 15.40
N ARG E 241 47.68 29.14 15.61
CA ARG E 241 48.55 30.29 15.69
C ARG E 241 48.13 31.05 16.93
N ALA E 242 48.80 30.72 18.04
CA ALA E 242 48.53 31.38 19.31
C ALA E 242 48.66 32.87 19.01
N ASP E 243 49.19 33.16 17.83
CA ASP E 243 49.40 34.50 17.30
C ASP E 243 48.43 35.53 17.89
#